data_6GSZ
#
_entry.id   6GSZ
#
_cell.length_a   90.260
_cell.length_b   106.248
_cell.length_c   119.832
_cell.angle_alpha   90.00
_cell.angle_beta   90.00
_cell.angle_gamma   90.00
#
_symmetry.space_group_name_H-M   'P 21 21 21'
#
loop_
_entity.id
_entity.type
_entity.pdbx_description
1 polymer Alpha-L-rhamnosidase
2 branched alpha-D-mannopyranose-(1-3)-beta-D-mannopyranose-(1-4)-2-acetamido-2-deoxy-beta-D-glucopyranose-(1-4)-2-acetamido-2-deoxy-beta-D-glucopyranose
3 branched alpha-D-mannopyranose-(1-3)-[alpha-D-mannopyranose-(1-6)]alpha-D-mannopyranose-(1-6)-[alpha-D-mannopyranose-(1-3)]beta-D-mannopyranose-(1-4)-2-acetamido-2-deoxy-beta-D-glucopyranose-(1-4)-2-acetamido-2-deoxy-beta-D-glucopyranose
4 branched alpha-D-mannopyranose-(1-3)-[alpha-D-mannopyranose-(1-6)]beta-D-mannopyranose-(1-4)-2-acetamido-2-deoxy-beta-D-glucopyranose-(1-4)-2-acetamido-2-deoxy-beta-D-glucopyranose
5 branched 2-acetamido-2-deoxy-beta-D-glucopyranose-(1-4)-2-acetamido-2-deoxy-beta-D-glucopyranose
6 branched alpha-D-mannopyranose-(1-3)-[alpha-D-mannopyranose-(1-6)]alpha-D-mannopyranose-(1-6)-beta-D-mannopyranose-(1-4)-2-acetamido-2-deoxy-beta-D-glucopyranose-(1-4)-2-acetamido-2-deoxy-beta-D-glucopyranose
7 non-polymer 2-acetamido-2-deoxy-beta-D-glucopyranose
8 non-polymer 'CALCIUM ION'
9 non-polymer 'PENTAETHYLENE GLYCOL'
10 non-polymer 'TETRAETHYLENE GLYCOL'
11 non-polymer 'TRIETHYLENE GLYCOL'
12 non-polymer 2-(2-METHOXYETHOXY)ETHANOL
13 non-polymer 1,2-ETHANEDIOL
14 non-polymer (2R,3S)-1,4-DIMERCAPTOBUTANE-2,3-DIOL
15 non-polymer 'ACETATE ION'
16 non-polymer '3[N-MORPHOLINO]PROPANE SULFONIC ACID'
17 non-polymer beta-D-glucopyranose
18 water water
#
_entity_poly.entity_id   1
_entity_poly.type   'polypeptide(L)'
_entity_poly.pdbx_seq_one_letter_code
;ALSISQVAFEHHRTALGIGETQPRVSWRFDGNVSDWEQRAYEIEVKRAGHDADVFRSESSDSVLVPWPSSPLQSGEEATV
RVRSFGSDGQHDTPWSDAVTVEPGLLTPDDWHDAVVIASDRPTEVDATHRPIQFRKEFSVDDSYVSARLYITALGLYEAR
INDQRVGDHVMAPGWQSYQYRHEYNTYDVTDLLKQGPNAIGVTVGEGWYSGRIGYDGGKRNIYGDTLGLLSLLVVTKSDG
SKLYIPSDSSWKSSTGPIISSEIYDGEEYDSRLEQKGWSQVGFNSTGWLGTHELSFPKERLASPDGPPVRRVAEHKLANV
FSSASGKTVLDFGQNLVGWLRIRVKGPKGQTIRFVHTEVMENGEVATRPLRQAKATDHFTLSGEGVQEWEPSFTYHGFRY
VQVDGWPADTPLDENSVTAIVVHSDMERTGYFECSNPLISKLHENILWSMRGNFFSIPTDCPQRDERLGWTGDIHAFSRT
ANFIYDTAGFLRAWLKDARSEQLNHSYSLPYVIPNIHGNGETPTSIWGDAIVGVPWQLYESFGDKVMLEEQYGGAKDWVD
KGIVRNDVGLWDRSTFQWADWLDPKAPADDPGDATTNKYLVSDAYLLHSTDMLANISTSLSKGEEASNYTEWHAKLTKEF
QKAWITSNGTMANETQTGLALPLYFDLFPSAEQAQSAAKRLVNIIKQNDYKVGTGFAGTHLLGHTLSKYGESDAFYSMLR
QTEVPSWLYQVVMNGTTTWERWDSMLPNGSINPGQMTSFNHYAVGSVGSWLHEVIGGLSPAEPGWRRINIEVVPGGDLQQ
ASTKFLTPYGMASTKWWLDGQDQSCGGFDFHLVAEVPPNTRATVVLPGKGGEKVDVGSGVHEYHVRCVKL
;
_entity_poly.pdbx_strand_id   A
#
loop_
_chem_comp.id
_chem_comp.type
_chem_comp.name
_chem_comp.formula
1PE non-polymer 'PENTAETHYLENE GLYCOL' 'C10 H22 O6'
ACT non-polymer 'ACETATE ION' 'C2 H3 O2 -1'
BGC D-saccharide, beta linking beta-D-glucopyranose 'C6 H12 O6'
BMA D-saccharide, beta linking beta-D-mannopyranose 'C6 H12 O6'
CA non-polymer 'CALCIUM ION' 'Ca 2'
DTU non-polymer (2R,3S)-1,4-DIMERCAPTOBUTANE-2,3-DIOL 'C4 H10 O2 S2'
EDO non-polymer 1,2-ETHANEDIOL 'C2 H6 O2'
MAN D-saccharide, alpha linking alpha-D-mannopyranose 'C6 H12 O6'
MPO non-polymer '3[N-MORPHOLINO]PROPANE SULFONIC ACID' 'C7 H15 N O4 S'
NAG D-saccharide, beta linking 2-acetamido-2-deoxy-beta-D-glucopyranose 'C8 H15 N O6'
PG0 non-polymer 2-(2-METHOXYETHOXY)ETHANOL 'C5 H12 O3'
PG4 non-polymer 'TETRAETHYLENE GLYCOL' 'C8 H18 O5'
PGE non-polymer 'TRIETHYLENE GLYCOL' 'C6 H14 O4'
#
# COMPACT_ATOMS: atom_id res chain seq x y z
N ALA A 1 -0.02 -30.71 -14.41
CA ALA A 1 1.43 -30.43 -14.41
C ALA A 1 1.68 -28.97 -14.82
N LEU A 2 0.88 -28.38 -15.72
CA LEU A 2 1.13 -26.98 -16.10
C LEU A 2 -0.09 -26.28 -16.70
N SER A 3 -0.44 -25.13 -16.13
CA SER A 3 -1.51 -24.30 -16.65
C SER A 3 -1.21 -22.82 -16.40
N ILE A 4 -2.00 -21.98 -17.06
CA ILE A 4 -1.98 -20.53 -16.79
C ILE A 4 -3.08 -20.21 -15.76
N SER A 5 -2.67 -19.61 -14.64
CA SER A 5 -3.58 -19.34 -13.53
C SER A 5 -4.17 -17.94 -13.59
N GLN A 6 -3.52 -16.99 -14.27
CA GLN A 6 -3.94 -15.58 -14.22
C GLN A 6 -3.41 -14.95 -15.48
N VAL A 7 -4.24 -14.17 -16.16
CA VAL A 7 -3.88 -13.31 -17.26
C VAL A 7 -4.25 -11.90 -16.83
N ALA A 8 -3.25 -10.99 -16.86
CA ALA A 8 -3.48 -9.66 -16.37
C ALA A 8 -2.84 -8.61 -17.29
N PHE A 9 -3.41 -7.39 -17.24
CA PHE A 9 -2.99 -6.29 -18.05
C PHE A 9 -2.30 -5.24 -17.18
N GLU A 10 -1.12 -4.76 -17.63
CA GLU A 10 -0.29 -3.87 -16.81
C GLU A 10 -0.20 -4.48 -15.42
N HIS A 11 -0.46 -3.66 -14.38
CA HIS A 11 -0.47 -4.09 -13.00
C HIS A 11 -1.90 -4.08 -12.42
N HIS A 12 -2.87 -4.12 -13.32
CA HIS A 12 -4.28 -4.14 -12.91
C HIS A 12 -4.70 -5.55 -12.49
N ARG A 13 -5.50 -5.68 -11.43
CA ARG A 13 -6.05 -6.98 -11.06
C ARG A 13 -7.12 -7.41 -12.08
N THR A 14 -7.96 -6.43 -12.45
CA THR A 14 -8.97 -6.52 -13.49
C THR A 14 -8.87 -5.25 -14.33
N ALA A 15 -9.34 -5.31 -15.58
CA ALA A 15 -9.03 -4.26 -16.54
C ALA A 15 -10.30 -3.70 -17.18
N LEU A 16 -11.09 -2.98 -16.37
CA LEU A 16 -12.29 -2.26 -16.84
C LEU A 16 -12.06 -0.76 -16.65
N GLY A 17 -12.05 -0.02 -17.75
CA GLY A 17 -11.93 1.42 -17.70
C GLY A 17 -10.51 1.93 -17.57
N ILE A 18 -9.55 1.14 -18.11
CA ILE A 18 -8.14 1.42 -17.95
C ILE A 18 -7.71 2.57 -18.87
N GLY A 19 -6.49 3.06 -18.62
CA GLY A 19 -5.93 4.18 -19.36
C GLY A 19 -5.12 3.79 -20.59
N GLU A 20 -4.79 2.51 -20.72
CA GLU A 20 -3.88 2.02 -21.78
C GLU A 20 -4.72 1.53 -22.98
N THR A 21 -4.34 1.95 -24.18
CA THR A 21 -4.95 1.41 -25.41
C THR A 21 -4.11 0.25 -25.95
N GLN A 22 -2.86 0.10 -25.47
CA GLN A 22 -1.97 -1.02 -25.87
C GLN A 22 -1.45 -1.64 -24.57
N PRO A 23 -2.32 -2.20 -23.72
CA PRO A 23 -1.90 -2.70 -22.41
C PRO A 23 -0.98 -3.91 -22.56
N ARG A 24 0.09 -3.95 -21.75
CA ARG A 24 0.96 -5.12 -21.72
C ARG A 24 0.24 -6.26 -21.02
N VAL A 25 0.67 -7.49 -21.35
CA VAL A 25 0.01 -8.71 -20.94
C VAL A 25 1.01 -9.55 -20.13
N SER A 26 0.53 -10.19 -19.09
CA SER A 26 1.31 -11.11 -18.25
C SER A 26 0.47 -12.35 -17.92
N TRP A 27 1.12 -13.50 -17.77
CA TRP A 27 0.41 -14.67 -17.30
C TRP A 27 1.25 -15.35 -16.25
N ARG A 28 0.60 -15.81 -15.20
CA ARG A 28 1.22 -16.60 -14.17
CA ARG A 28 1.23 -16.62 -14.14
C ARG A 28 0.92 -18.09 -14.41
N PHE A 29 1.86 -18.95 -14.03
CA PHE A 29 1.76 -20.37 -14.21
C PHE A 29 1.41 -21.07 -12.90
N ASP A 30 0.78 -22.23 -13.03
CA ASP A 30 0.54 -23.16 -11.91
C ASP A 30 0.99 -24.55 -12.40
N GLY A 31 1.58 -25.33 -11.52
CA GLY A 31 1.98 -26.66 -11.90
C GLY A 31 3.33 -27.02 -11.33
N ASN A 32 3.61 -28.32 -11.26
CA ASN A 32 4.81 -28.82 -10.60
C ASN A 32 5.85 -29.32 -11.62
N VAL A 33 5.68 -28.97 -12.91
CA VAL A 33 6.58 -29.37 -13.97
C VAL A 33 8.04 -29.00 -13.62
N SER A 34 8.96 -29.88 -14.02
CA SER A 34 10.38 -29.78 -13.77
C SER A 34 11.11 -29.09 -14.92
N ASP A 35 12.00 -28.16 -14.56
CA ASP A 35 12.95 -27.51 -15.48
C ASP A 35 12.24 -26.95 -16.72
N TRP A 36 11.09 -26.31 -16.50
CA TRP A 36 10.29 -25.85 -17.61
C TRP A 36 10.58 -24.38 -17.91
N GLU A 37 10.74 -24.08 -19.21
CA GLU A 37 10.89 -22.73 -19.71
C GLU A 37 10.00 -22.58 -20.94
N GLN A 38 9.48 -21.37 -21.14
CA GLN A 38 8.66 -21.09 -22.28
C GLN A 38 9.52 -20.81 -23.54
N ARG A 39 9.10 -21.35 -24.70
CA ARG A 39 9.70 -20.99 -25.98
CA ARG A 39 9.70 -20.95 -25.94
C ARG A 39 8.79 -20.05 -26.79
N ALA A 40 7.47 -20.10 -26.57
CA ALA A 40 6.57 -19.33 -27.42
C ALA A 40 5.24 -19.19 -26.70
N TYR A 41 4.44 -18.25 -27.18
CA TYR A 41 3.08 -18.05 -26.65
C TYR A 41 2.17 -17.68 -27.83
N GLU A 42 0.88 -17.87 -27.56
CA GLU A 42 -0.20 -17.40 -28.41
C GLU A 42 -1.16 -16.57 -27.55
N ILE A 43 -1.52 -15.42 -28.08
CA ILE A 43 -2.56 -14.55 -27.48
C ILE A 43 -3.72 -14.48 -28.48
N GLU A 44 -4.89 -14.90 -28.01
CA GLU A 44 -6.16 -14.80 -28.75
C GLU A 44 -6.87 -13.52 -28.32
N VAL A 45 -7.18 -12.69 -29.29
CA VAL A 45 -7.94 -11.48 -29.06
C VAL A 45 -9.25 -11.52 -29.85
N LYS A 46 -10.37 -11.46 -29.11
CA LYS A 46 -11.73 -11.49 -29.72
C LYS A 46 -12.40 -10.12 -29.58
N ARG A 47 -12.84 -9.53 -30.68
CA ARG A 47 -13.61 -8.32 -30.73
C ARG A 47 -15.01 -8.69 -31.21
N ALA A 48 -16.04 -8.10 -30.59
CA ALA A 48 -17.42 -8.38 -30.97
C ALA A 48 -17.53 -8.26 -32.51
N GLY A 49 -18.28 -9.22 -33.12
CA GLY A 49 -18.58 -9.17 -34.56
C GLY A 49 -17.43 -9.66 -35.44
N HIS A 50 -16.26 -9.96 -34.85
CA HIS A 50 -15.10 -10.42 -35.63
C HIS A 50 -14.66 -11.80 -35.13
N ASP A 51 -14.18 -12.62 -36.07
CA ASP A 51 -13.41 -13.80 -35.72
C ASP A 51 -12.25 -13.35 -34.81
N ALA A 52 -11.99 -14.17 -33.79
CA ALA A 52 -10.84 -14.06 -33.02
C ALA A 52 -9.59 -14.01 -33.91
N ASP A 53 -8.63 -13.17 -33.52
CA ASP A 53 -7.26 -13.23 -34.04
C ASP A 53 -6.37 -13.95 -33.03
N VAL A 54 -5.44 -14.79 -33.53
CA VAL A 54 -4.44 -15.42 -32.69
C VAL A 54 -3.07 -14.91 -33.15
N PHE A 55 -2.30 -14.39 -32.20
CA PHE A 55 -0.98 -13.85 -32.45
C PHE A 55 0.05 -14.74 -31.75
N ARG A 56 0.97 -15.29 -32.52
CA ARG A 56 2.04 -16.16 -31.97
C ARG A 56 3.34 -15.37 -31.90
N SER A 57 4.05 -15.54 -30.79
CA SER A 57 5.39 -14.98 -30.56
CA SER A 57 5.39 -15.00 -30.67
C SER A 57 6.32 -16.10 -30.18
N GLU A 58 7.49 -16.14 -30.84
CA GLU A 58 8.66 -16.88 -30.35
C GLU A 58 9.31 -15.99 -29.29
N SER A 59 9.16 -16.40 -28.03
CA SER A 59 9.56 -15.59 -26.90
C SER A 59 9.50 -16.43 -25.63
N SER A 60 10.48 -16.25 -24.75
CA SER A 60 10.40 -16.84 -23.43
CA SER A 60 10.44 -16.82 -23.43
C SER A 60 9.69 -15.91 -22.43
N ASP A 61 9.32 -14.70 -22.85
CA ASP A 61 8.76 -13.73 -21.88
C ASP A 61 7.29 -14.01 -21.58
N SER A 62 6.99 -14.09 -20.28
CA SER A 62 5.61 -14.26 -19.82
C SER A 62 5.12 -13.09 -18.98
N VAL A 63 5.92 -11.99 -18.89
CA VAL A 63 5.60 -10.87 -18.02
C VAL A 63 5.73 -9.57 -18.80
N LEU A 64 4.62 -8.83 -18.83
CA LEU A 64 4.58 -7.49 -19.44
C LEU A 64 5.04 -7.52 -20.92
N VAL A 65 4.47 -8.47 -21.66
CA VAL A 65 4.75 -8.58 -23.10
C VAL A 65 3.85 -7.60 -23.83
N PRO A 66 4.15 -7.23 -25.10
CA PRO A 66 3.34 -6.25 -25.79
C PRO A 66 1.91 -6.67 -26.12
N TRP A 67 1.02 -5.66 -26.08
CA TRP A 67 -0.31 -5.85 -26.66
C TRP A 67 -0.13 -6.23 -28.14
N PRO A 68 -0.71 -7.34 -28.59
CA PRO A 68 -0.41 -7.82 -29.95
C PRO A 68 -1.35 -7.33 -31.06
N SER A 69 -2.45 -6.68 -30.69
CA SER A 69 -3.50 -6.33 -31.67
C SER A 69 -3.43 -4.82 -31.94
N SER A 70 -4.39 -4.31 -32.72
CA SER A 70 -4.50 -2.88 -32.91
C SER A 70 -4.93 -2.24 -31.59
N PRO A 71 -4.59 -0.96 -31.38
CA PRO A 71 -4.99 -0.26 -30.14
C PRO A 71 -6.49 -0.32 -29.86
N LEU A 72 -6.82 -0.54 -28.60
CA LEU A 72 -8.22 -0.49 -28.16
C LEU A 72 -8.70 0.97 -28.12
N GLN A 73 -9.94 1.16 -28.52
CA GLN A 73 -10.61 2.48 -28.42
C GLN A 73 -11.24 2.67 -27.02
N SER A 74 -11.63 3.92 -26.72
CA SER A 74 -12.38 4.22 -25.51
C SER A 74 -13.66 3.38 -25.48
N GLY A 75 -13.91 2.68 -24.36
CA GLY A 75 -15.11 1.88 -24.22
C GLY A 75 -15.12 0.59 -25.03
N GLU A 76 -14.01 0.20 -25.65
CA GLU A 76 -13.98 -1.00 -26.50
C GLU A 76 -13.45 -2.17 -25.71
N GLU A 77 -14.28 -3.21 -25.56
CA GLU A 77 -13.88 -4.42 -24.85
C GLU A 77 -13.27 -5.44 -25.82
N ALA A 78 -12.18 -6.04 -25.36
CA ALA A 78 -11.65 -7.27 -25.99
C ALA A 78 -11.68 -8.41 -24.97
N THR A 79 -11.82 -9.64 -25.51
CA THR A 79 -11.74 -10.84 -24.69
C THR A 79 -10.45 -11.56 -25.09
N VAL A 80 -9.66 -11.96 -24.08
CA VAL A 80 -8.31 -12.43 -24.31
C VAL A 80 -8.11 -13.78 -23.67
N ARG A 81 -7.43 -14.69 -24.42
CA ARG A 81 -6.90 -15.91 -23.82
C ARG A 81 -5.44 -16.05 -24.25
N VAL A 82 -4.66 -16.77 -23.45
CA VAL A 82 -3.26 -17.03 -23.73
C VAL A 82 -3.00 -18.52 -23.59
N ARG A 83 -2.04 -19.01 -24.38
CA ARG A 83 -1.45 -20.33 -24.09
C ARG A 83 0.04 -20.23 -24.37
N SER A 84 0.76 -21.08 -23.65
CA SER A 84 2.20 -21.03 -23.58
C SER A 84 2.76 -22.41 -23.98
N PHE A 85 3.85 -22.39 -24.75
CA PHE A 85 4.53 -23.57 -25.29
C PHE A 85 5.91 -23.74 -24.64
N GLY A 86 6.19 -24.97 -24.19
CA GLY A 86 7.45 -25.28 -23.50
C GLY A 86 8.62 -25.48 -24.46
N SER A 87 9.80 -25.13 -23.96
CA SER A 87 11.03 -25.22 -24.77
C SER A 87 11.34 -26.66 -25.14
N ASP A 88 10.88 -27.63 -24.35
CA ASP A 88 11.25 -29.05 -24.61
C ASP A 88 10.31 -29.65 -25.66
N GLY A 89 9.30 -28.88 -26.06
CA GLY A 89 8.32 -29.31 -27.05
C GLY A 89 7.38 -30.37 -26.52
N GLN A 90 7.38 -30.60 -25.20
CA GLN A 90 6.61 -31.68 -24.54
C GLN A 90 5.54 -31.15 -23.58
N HIS A 91 5.78 -30.03 -22.87
CA HIS A 91 4.72 -29.53 -21.97
C HIS A 91 4.24 -28.14 -22.41
N ASP A 92 3.02 -28.07 -22.93
CA ASP A 92 2.34 -26.82 -23.32
C ASP A 92 1.12 -26.64 -22.41
N THR A 93 0.71 -25.38 -22.18
CA THR A 93 -0.50 -25.11 -21.41
C THR A 93 -1.73 -25.25 -22.28
N PRO A 94 -2.88 -25.63 -21.68
CA PRO A 94 -4.16 -25.33 -22.30
C PRO A 94 -4.34 -23.81 -22.45
N TRP A 95 -5.32 -23.41 -23.24
CA TRP A 95 -5.74 -22.01 -23.23
C TRP A 95 -6.17 -21.62 -21.83
N SER A 96 -5.77 -20.42 -21.44
CA SER A 96 -6.19 -19.81 -20.20
C SER A 96 -7.70 -19.59 -20.19
N ASP A 97 -8.23 -19.39 -19.00
CA ASP A 97 -9.57 -18.83 -18.88
C ASP A 97 -9.54 -17.44 -19.51
N ALA A 98 -10.65 -17.08 -20.16
CA ALA A 98 -10.77 -15.81 -20.82
C ALA A 98 -10.88 -14.68 -19.78
N VAL A 99 -10.29 -13.55 -20.14
CA VAL A 99 -10.40 -12.31 -19.37
C VAL A 99 -10.74 -11.18 -20.35
N THR A 100 -11.27 -10.08 -19.81
CA THR A 100 -11.63 -8.93 -20.61
C THR A 100 -10.71 -7.73 -20.30
N VAL A 101 -10.59 -6.86 -21.29
CA VAL A 101 -9.84 -5.61 -21.16
C VAL A 101 -10.56 -4.52 -21.94
N GLU A 102 -10.69 -3.33 -21.32
CA GLU A 102 -11.52 -2.27 -21.92
C GLU A 102 -11.01 -0.92 -21.42
N PRO A 103 -10.55 -0.03 -22.30
CA PRO A 103 -10.18 1.31 -21.86
C PRO A 103 -11.39 2.13 -21.42
N GLY A 104 -11.10 3.11 -20.57
CA GLY A 104 -12.07 4.09 -20.10
C GLY A 104 -12.24 5.26 -21.06
N LEU A 105 -12.50 6.42 -20.47
CA LEU A 105 -12.70 7.67 -21.19
C LEU A 105 -11.35 8.38 -21.30
N LEU A 106 -10.78 8.36 -22.51
CA LEU A 106 -9.36 8.66 -22.64
C LEU A 106 -9.04 10.14 -22.90
N THR A 107 -10.02 10.91 -23.36
CA THR A 107 -9.87 12.30 -23.62
C THR A 107 -11.04 13.06 -23.00
N PRO A 108 -10.92 14.39 -22.78
CA PRO A 108 -12.07 15.17 -22.32
C PRO A 108 -13.32 14.98 -23.19
N ASP A 109 -13.15 14.91 -24.51
CA ASP A 109 -14.30 14.77 -25.41
C ASP A 109 -15.08 13.48 -25.11
N ASP A 110 -14.38 12.44 -24.62
CA ASP A 110 -15.03 11.16 -24.35
C ASP A 110 -16.04 11.27 -23.20
N TRP A 111 -15.97 12.34 -22.41
CA TRP A 111 -16.96 12.61 -21.34
C TRP A 111 -18.26 13.22 -21.86
N HIS A 112 -18.31 13.53 -23.16
CA HIS A 112 -19.52 14.05 -23.79
C HIS A 112 -19.92 15.31 -23.01
N ASP A 113 -21.16 15.43 -22.62
CA ASP A 113 -21.53 16.74 -22.02
CA ASP A 113 -21.60 16.70 -22.01
C ASP A 113 -21.48 16.67 -20.48
N ALA A 114 -20.85 15.67 -19.92
CA ALA A 114 -20.79 15.55 -18.46
C ALA A 114 -19.92 16.66 -17.89
N VAL A 115 -20.45 17.32 -16.85
CA VAL A 115 -19.74 18.38 -16.14
C VAL A 115 -19.82 18.12 -14.63
N VAL A 116 -18.89 18.73 -13.90
CA VAL A 116 -18.95 18.65 -12.45
C VAL A 116 -20.14 19.47 -11.97
N ILE A 117 -20.98 18.86 -11.13
CA ILE A 117 -22.09 19.59 -10.57
C ILE A 117 -21.98 19.66 -9.05
N ALA A 118 -22.66 20.69 -8.53
CA ALA A 118 -22.79 20.97 -7.15
C ALA A 118 -24.24 21.34 -6.85
N SER A 119 -24.58 21.21 -5.56
CA SER A 119 -25.91 21.66 -5.09
C SER A 119 -26.08 23.18 -5.11
N ASP A 120 -27.33 23.58 -5.34
CA ASP A 120 -27.72 24.96 -5.10
C ASP A 120 -27.72 25.30 -3.61
N ARG A 121 -27.64 24.30 -2.72
CA ARG A 121 -27.45 24.61 -1.30
C ARG A 121 -26.10 25.29 -1.12
N PRO A 122 -25.97 26.39 -0.38
CA PRO A 122 -24.67 27.01 -0.22
C PRO A 122 -23.70 26.11 0.54
N THR A 123 -22.43 26.12 0.13
CA THR A 123 -21.41 25.36 0.86
C THR A 123 -21.19 26.04 2.25
N GLU A 124 -20.79 25.23 3.21
CA GLU A 124 -20.50 25.72 4.52
C GLU A 124 -19.20 26.54 4.50
N VAL A 125 -19.16 27.55 5.36
CA VAL A 125 -18.02 28.43 5.55
C VAL A 125 -17.33 28.07 6.87
N ASP A 126 -16.03 27.77 6.76
CA ASP A 126 -15.14 27.52 7.93
C ASP A 126 -15.71 26.37 8.74
N ALA A 127 -16.20 25.33 8.04
CA ALA A 127 -16.85 24.19 8.73
C ALA A 127 -16.88 22.96 7.84
N THR A 128 -17.10 21.80 8.47
CA THR A 128 -17.22 20.57 7.74
C THR A 128 -18.42 20.60 6.80
N HIS A 129 -18.35 19.84 5.72
CA HIS A 129 -19.37 19.81 4.70
C HIS A 129 -20.31 18.64 4.91
N ARG A 130 -21.58 18.95 5.10
CA ARG A 130 -22.60 17.92 5.16
C ARG A 130 -22.72 17.24 3.79
N PRO A 131 -22.74 15.90 3.70
CA PRO A 131 -22.84 15.25 2.40
C PRO A 131 -24.08 15.67 1.63
N ILE A 132 -23.98 15.66 0.31
CA ILE A 132 -25.05 16.03 -0.59
C ILE A 132 -25.47 14.82 -1.42
N GLN A 133 -26.78 14.57 -1.51
CA GLN A 133 -27.38 13.62 -2.38
C GLN A 133 -27.68 14.30 -3.70
N PHE A 134 -27.34 13.66 -4.82
CA PHE A 134 -27.61 14.11 -6.15
C PHE A 134 -28.44 13.05 -6.85
N ARG A 135 -29.47 13.46 -7.61
CA ARG A 135 -30.27 12.46 -8.27
C ARG A 135 -30.70 12.92 -9.67
N LYS A 136 -30.96 11.91 -10.50
CA LYS A 136 -31.40 12.06 -11.89
C LYS A 136 -32.25 10.85 -12.27
N GLU A 137 -33.36 11.10 -12.95
CA GLU A 137 -34.15 10.03 -13.58
C GLU A 137 -33.99 10.14 -15.10
N PHE A 138 -34.05 8.97 -15.75
CA PHE A 138 -33.82 8.89 -17.21
C PHE A 138 -34.57 7.67 -17.72
N SER A 139 -34.60 7.55 -19.04
CA SER A 139 -35.31 6.50 -19.72
C SER A 139 -34.36 5.71 -20.60
N VAL A 140 -34.56 4.40 -20.60
CA VAL A 140 -33.93 3.51 -21.56
C VAL A 140 -35.07 2.82 -22.31
N ASP A 141 -35.47 3.40 -23.44
CA ASP A 141 -36.72 2.93 -24.11
C ASP A 141 -36.45 2.08 -25.35
N ASP A 142 -35.23 1.59 -25.48
CA ASP A 142 -34.76 0.70 -26.56
C ASP A 142 -34.13 -0.52 -25.88
N SER A 143 -34.09 -1.65 -26.59
CA SER A 143 -33.34 -2.80 -26.08
C SER A 143 -31.84 -2.44 -26.01
N TYR A 144 -31.17 -2.93 -24.96
CA TYR A 144 -29.77 -2.61 -24.74
C TYR A 144 -28.99 -3.88 -24.41
N VAL A 145 -27.67 -3.79 -24.60
CA VAL A 145 -26.78 -4.94 -24.42
C VAL A 145 -25.73 -4.72 -23.32
N SER A 146 -25.36 -3.48 -23.04
CA SER A 146 -24.33 -3.20 -22.02
C SER A 146 -24.46 -1.76 -21.55
N ALA A 147 -23.93 -1.50 -20.34
CA ALA A 147 -23.94 -0.14 -19.85
C ALA A 147 -22.74 0.06 -18.93
N ARG A 148 -22.26 1.30 -18.92
CA ARG A 148 -21.14 1.71 -18.09
C ARG A 148 -21.46 2.98 -17.32
N LEU A 149 -20.95 3.07 -16.09
CA LEU A 149 -20.96 4.31 -15.31
C LEU A 149 -19.51 4.73 -15.11
N TYR A 150 -19.19 5.96 -15.50
CA TYR A 150 -17.91 6.58 -15.30
C TYR A 150 -18.09 7.70 -14.29
N ILE A 151 -17.36 7.71 -13.18
CA ILE A 151 -17.75 8.58 -12.09
C ILE A 151 -16.57 8.95 -11.21
N THR A 152 -16.57 10.17 -10.73
CA THR A 152 -15.69 10.60 -9.68
C THR A 152 -16.36 11.72 -8.89
N ALA A 153 -15.68 12.17 -7.84
CA ALA A 153 -16.20 13.27 -7.04
C ALA A 153 -15.08 14.22 -6.66
N LEU A 154 -15.49 15.47 -6.41
CA LEU A 154 -14.67 16.41 -5.69
C LEU A 154 -15.02 16.19 -4.22
N GLY A 155 -14.40 15.17 -3.64
CA GLY A 155 -14.82 14.54 -2.41
C GLY A 155 -14.73 13.06 -2.57
N LEU A 156 -15.73 12.35 -2.04
CA LEU A 156 -15.86 10.89 -2.14
C LEU A 156 -17.30 10.59 -2.52
N TYR A 157 -17.58 9.49 -3.20
CA TYR A 157 -18.92 9.21 -3.66
C TYR A 157 -19.35 7.78 -3.32
N GLU A 158 -20.67 7.60 -3.24
CA GLU A 158 -21.32 6.31 -3.24
C GLU A 158 -22.53 6.42 -4.17
N ALA A 159 -22.57 5.64 -5.24
CA ALA A 159 -23.62 5.67 -6.25
C ALA A 159 -24.56 4.48 -6.14
N ARG A 160 -25.83 4.74 -6.45
CA ARG A 160 -26.88 3.72 -6.48
C ARG A 160 -27.65 3.89 -7.79
N ILE A 161 -28.03 2.79 -8.44
CA ILE A 161 -28.88 2.83 -9.60
C ILE A 161 -30.09 1.96 -9.29
N ASN A 162 -31.29 2.55 -9.30
CA ASN A 162 -32.51 1.83 -8.91
C ASN A 162 -32.35 1.15 -7.55
N ASP A 163 -31.80 1.89 -6.57
CA ASP A 163 -31.52 1.44 -5.19
C ASP A 163 -30.61 0.21 -5.09
N GLN A 164 -29.75 -0.01 -6.09
CA GLN A 164 -28.70 -1.01 -6.00
C GLN A 164 -27.36 -0.29 -5.98
N ARG A 165 -26.52 -0.62 -4.99
CA ARG A 165 -25.21 0.00 -4.92
C ARG A 165 -24.43 -0.29 -6.20
N VAL A 166 -23.75 0.73 -6.75
CA VAL A 166 -22.88 0.57 -7.89
C VAL A 166 -21.49 0.20 -7.39
N GLY A 167 -21.08 -1.03 -7.73
CA GLY A 167 -19.78 -1.54 -7.37
C GLY A 167 -19.63 -1.78 -5.88
N ASP A 168 -18.39 -2.11 -5.50
CA ASP A 168 -18.03 -2.42 -4.11
C ASP A 168 -16.80 -1.61 -3.65
N HIS A 169 -16.53 -0.50 -4.33
CA HIS A 169 -15.47 0.38 -3.92
C HIS A 169 -15.96 1.30 -2.80
N VAL A 170 -15.14 1.51 -1.77
CA VAL A 170 -15.47 2.45 -0.71
C VAL A 170 -14.36 3.50 -0.65
N MET A 171 -14.60 4.58 0.05
CA MET A 171 -13.67 5.72 0.09
C MET A 171 -13.18 6.10 -1.31
N ALA A 172 -14.11 6.11 -2.29
CA ALA A 172 -13.82 6.29 -3.68
C ALA A 172 -13.94 7.75 -4.06
N PRO A 173 -13.05 8.32 -4.89
CA PRO A 173 -11.99 7.66 -5.66
C PRO A 173 -10.64 7.53 -4.97
N GLY A 174 -10.55 7.87 -3.69
CA GLY A 174 -9.28 7.78 -2.98
C GLY A 174 -8.58 9.13 -3.00
N TRP A 175 -7.33 9.17 -2.52
CA TRP A 175 -6.58 10.38 -2.36
C TRP A 175 -5.45 10.48 -3.38
N GLN A 176 -5.64 11.29 -4.44
CA GLN A 176 -4.60 11.64 -5.41
C GLN A 176 -4.15 13.08 -5.11
N SER A 177 -3.06 13.49 -5.74
CA SER A 177 -2.64 14.88 -5.82
C SER A 177 -3.59 15.49 -6.86
N TYR A 178 -4.80 15.86 -6.39
CA TYR A 178 -5.94 16.08 -7.30
C TYR A 178 -5.70 17.23 -8.29
N GLN A 179 -4.89 18.23 -7.92
CA GLN A 179 -4.67 19.34 -8.87
C GLN A 179 -3.88 18.92 -10.11
N TYR A 180 -3.18 17.76 -10.01
CA TYR A 180 -2.42 17.19 -11.12
C TYR A 180 -3.12 15.97 -11.72
N ARG A 181 -3.68 15.11 -10.87
CA ARG A 181 -4.19 13.80 -11.30
C ARG A 181 -5.38 13.49 -10.41
N HIS A 182 -6.49 13.13 -11.06
CA HIS A 182 -7.72 12.89 -10.30
C HIS A 182 -8.36 11.62 -10.86
N GLU A 183 -8.39 10.57 -10.03
CA GLU A 183 -8.85 9.28 -10.57
C GLU A 183 -10.36 9.27 -10.71
N TYR A 184 -10.85 8.58 -11.74
CA TYR A 184 -12.27 8.30 -11.90
C TYR A 184 -12.43 6.80 -12.07
N ASN A 185 -13.59 6.27 -11.73
CA ASN A 185 -13.88 4.86 -11.71
C ASN A 185 -14.86 4.46 -12.81
N THR A 186 -14.76 3.21 -13.26
CA THR A 186 -15.61 2.65 -14.28
C THR A 186 -16.31 1.41 -13.73
N TYR A 187 -17.64 1.32 -13.94
CA TYR A 187 -18.42 0.19 -13.46
C TYR A 187 -19.27 -0.35 -14.61
N ASP A 188 -19.44 -1.67 -14.62
CA ASP A 188 -20.38 -2.33 -15.52
C ASP A 188 -21.75 -2.37 -14.82
N VAL A 189 -22.64 -1.50 -15.26
CA VAL A 189 -23.95 -1.35 -14.62
C VAL A 189 -25.07 -1.97 -15.48
N THR A 190 -24.72 -2.83 -16.43
CA THR A 190 -25.68 -3.48 -17.33
C THR A 190 -26.86 -4.06 -16.54
N ASP A 191 -26.58 -4.78 -15.45
CA ASP A 191 -27.59 -5.58 -14.77
C ASP A 191 -28.38 -4.73 -13.74
N LEU A 192 -27.96 -3.48 -13.50
CA LEU A 192 -28.67 -2.62 -12.55
C LEU A 192 -29.78 -1.84 -13.24
N LEU A 193 -29.68 -1.66 -14.56
CA LEU A 193 -30.72 -0.96 -15.30
C LEU A 193 -31.96 -1.83 -15.46
N LYS A 194 -33.06 -1.16 -15.78
CA LYS A 194 -34.25 -1.84 -16.25
C LYS A 194 -34.77 -1.12 -17.48
N GLN A 195 -35.61 -1.82 -18.21
CA GLN A 195 -36.25 -1.28 -19.37
C GLN A 195 -37.18 -0.15 -18.94
N GLY A 196 -37.12 0.96 -19.64
CA GLY A 196 -38.02 2.06 -19.34
C GLY A 196 -37.39 3.02 -18.34
N PRO A 197 -38.13 3.43 -17.30
CA PRO A 197 -37.64 4.46 -16.37
C PRO A 197 -36.58 3.93 -15.41
N ASN A 198 -35.58 4.76 -15.14
CA ASN A 198 -34.47 4.43 -14.25
C ASN A 198 -34.12 5.66 -13.40
N ALA A 199 -33.45 5.44 -12.28
CA ALA A 199 -32.91 6.53 -11.50
C ALA A 199 -31.49 6.21 -11.07
N ILE A 200 -30.69 7.28 -10.94
CA ILE A 200 -29.36 7.22 -10.33
C ILE A 200 -29.34 8.22 -9.20
N GLY A 201 -28.83 7.79 -8.04
CA GLY A 201 -28.60 8.66 -6.91
C GLY A 201 -27.15 8.53 -6.45
N VAL A 202 -26.50 9.63 -6.12
CA VAL A 202 -25.12 9.59 -5.67
C VAL A 202 -24.99 10.46 -4.41
N THR A 203 -24.39 9.94 -3.36
CA THR A 203 -24.07 10.73 -2.21
C THR A 203 -22.61 11.12 -2.26
N VAL A 204 -22.29 12.39 -2.06
CA VAL A 204 -20.95 12.92 -2.06
C VAL A 204 -20.60 13.47 -0.69
N GLY A 205 -19.47 13.05 -0.14
CA GLY A 205 -18.87 13.53 1.09
C GLY A 205 -17.54 14.23 0.85
N GLU A 206 -17.00 14.89 1.90
CA GLU A 206 -15.87 15.81 1.68
C GLU A 206 -14.55 15.04 1.44
N GLY A 207 -14.35 13.93 2.12
CA GLY A 207 -13.09 13.21 2.01
C GLY A 207 -11.89 14.10 2.28
N TRP A 208 -10.83 13.80 1.52
CA TRP A 208 -9.60 14.54 1.52
C TRP A 208 -9.70 15.83 0.69
N TYR A 209 -10.60 15.84 -0.31
CA TYR A 209 -10.68 16.97 -1.27
C TYR A 209 -10.97 18.30 -0.53
N SER A 210 -11.92 18.26 0.40
CA SER A 210 -12.32 19.43 1.17
C SER A 210 -12.35 19.22 2.69
N GLY A 211 -12.13 18.01 3.21
CA GLY A 211 -12.14 17.79 4.61
C GLY A 211 -10.95 18.38 5.35
N ARG A 212 -11.02 18.32 6.67
CA ARG A 212 -9.94 18.78 7.56
C ARG A 212 -8.83 17.71 7.60
N ILE A 213 -7.67 18.06 7.03
CA ILE A 213 -6.57 17.12 6.90
C ILE A 213 -5.32 17.81 7.46
N GLY A 214 -4.45 17.00 8.09
CA GLY A 214 -3.24 17.50 8.73
C GLY A 214 -3.32 17.56 10.24
N TYR A 215 -2.15 17.64 10.89
CA TYR A 215 -2.03 17.69 12.31
C TYR A 215 -1.99 19.16 12.76
N ASP A 216 -1.92 19.36 14.07
CA ASP A 216 -1.89 20.71 14.67
C ASP A 216 -3.12 21.51 14.25
N GLY A 217 -4.24 20.78 14.15
CA GLY A 217 -5.55 21.34 13.81
C GLY A 217 -5.92 21.08 12.36
N GLY A 218 -4.91 20.93 11.50
CA GLY A 218 -5.14 20.72 10.08
C GLY A 218 -5.73 21.92 9.37
N LYS A 219 -6.08 21.70 8.10
CA LYS A 219 -6.66 22.69 7.24
C LYS A 219 -7.76 22.00 6.43
N ARG A 220 -8.86 22.72 6.20
CA ARG A 220 -9.91 22.18 5.37
C ARG A 220 -9.93 22.91 4.02
N ASN A 221 -10.79 22.41 3.12
CA ASN A 221 -10.98 23.04 1.79
C ASN A 221 -9.65 23.15 1.04
N ILE A 222 -8.83 22.08 1.11
CA ILE A 222 -7.48 22.18 0.57
C ILE A 222 -7.52 22.27 -0.97
N TYR A 223 -8.35 21.42 -1.58
CA TYR A 223 -8.40 21.31 -3.04
C TYR A 223 -9.56 22.10 -3.65
N GLY A 224 -10.56 22.40 -2.82
CA GLY A 224 -11.80 23.11 -3.18
C GLY A 224 -12.63 23.21 -1.94
N ASP A 225 -13.72 23.98 -2.01
CA ASP A 225 -14.54 24.21 -0.83
C ASP A 225 -15.97 23.74 -1.04
N THR A 226 -16.25 23.05 -2.14
CA THR A 226 -17.63 22.70 -2.54
C THR A 226 -17.70 21.23 -2.98
N LEU A 227 -18.63 20.43 -2.41
CA LEU A 227 -18.79 19.05 -2.86
C LEU A 227 -19.28 19.01 -4.31
N GLY A 228 -18.66 18.16 -5.12
CA GLY A 228 -18.96 18.07 -6.53
C GLY A 228 -19.01 16.63 -7.04
N LEU A 229 -19.79 16.43 -8.11
CA LEU A 229 -19.98 15.10 -8.71
C LEU A 229 -19.73 15.22 -10.22
N LEU A 230 -18.96 14.29 -10.79
CA LEU A 230 -18.87 14.12 -12.24
C LEU A 230 -19.30 12.70 -12.56
N SER A 231 -20.23 12.53 -13.51
CA SER A 231 -20.83 11.21 -13.79
CA SER A 231 -20.64 11.19 -13.87
C SER A 231 -21.20 11.15 -15.27
N LEU A 232 -20.94 10.03 -15.93
CA LEU A 232 -21.49 9.76 -17.24
C LEU A 232 -21.94 8.31 -17.27
N LEU A 233 -23.22 8.09 -17.56
CA LEU A 233 -23.79 6.77 -17.82
CA LEU A 233 -23.76 6.76 -17.81
C LEU A 233 -23.89 6.60 -19.34
N VAL A 234 -23.30 5.53 -19.86
CA VAL A 234 -23.32 5.24 -21.29
C VAL A 234 -24.03 3.89 -21.45
N VAL A 235 -25.13 3.87 -22.20
CA VAL A 235 -25.87 2.67 -22.48
C VAL A 235 -25.70 2.33 -23.97
N THR A 236 -25.23 1.12 -24.25
CA THR A 236 -25.07 0.65 -25.62
C THR A 236 -26.32 -0.15 -26.00
N LYS A 237 -27.01 0.34 -27.02
CA LYS A 237 -28.21 -0.28 -27.51
C LYS A 237 -27.85 -1.45 -28.42
N SER A 238 -28.88 -2.26 -28.71
CA SER A 238 -28.78 -3.47 -29.49
C SER A 238 -28.19 -3.21 -30.88
N ASP A 239 -28.44 -2.03 -31.45
CA ASP A 239 -27.97 -1.65 -32.79
C ASP A 239 -26.56 -1.04 -32.75
N GLY A 240 -25.97 -0.91 -31.56
CA GLY A 240 -24.59 -0.42 -31.36
C GLY A 240 -24.50 1.08 -31.10
N SER A 241 -25.62 1.80 -31.25
CA SER A 241 -25.69 3.21 -30.92
C SER A 241 -25.77 3.35 -29.40
N LYS A 242 -25.52 4.57 -28.93
CA LYS A 242 -25.36 4.80 -27.50
C LYS A 242 -26.27 5.92 -27.00
N LEU A 243 -26.70 5.74 -25.75
CA LEU A 243 -27.37 6.77 -24.95
CA LEU A 243 -27.36 6.77 -24.93
C LEU A 243 -26.37 7.27 -23.89
N TYR A 244 -26.31 8.59 -23.73
CA TYR A 244 -25.42 9.28 -22.76
C TYR A 244 -26.25 10.02 -21.72
N ILE A 245 -26.03 9.73 -20.43
CA ILE A 245 -26.76 10.42 -19.37
C ILE A 245 -25.70 11.09 -18.52
N PRO A 246 -25.44 12.38 -18.77
CA PRO A 246 -24.40 13.10 -18.06
C PRO A 246 -24.86 13.71 -16.74
N SER A 247 -23.90 13.97 -15.84
CA SER A 247 -24.09 14.93 -14.78
C SER A 247 -24.20 16.31 -15.40
N ASP A 248 -25.23 17.07 -15.00
CA ASP A 248 -25.44 18.45 -15.50
C ASP A 248 -26.49 19.11 -14.61
N SER A 249 -26.87 20.35 -14.97
CA SER A 249 -27.74 21.20 -14.15
CA SER A 249 -27.70 21.16 -14.06
C SER A 249 -29.18 20.72 -14.15
N SER A 250 -29.51 19.62 -14.85
CA SER A 250 -30.83 18.97 -14.77
C SER A 250 -31.03 18.09 -13.53
N TRP A 251 -29.94 17.78 -12.80
CA TRP A 251 -30.04 16.98 -11.60
C TRP A 251 -30.64 17.81 -10.47
N LYS A 252 -31.11 17.10 -9.46
CA LYS A 252 -31.57 17.72 -8.21
C LYS A 252 -30.71 17.23 -7.05
N SER A 253 -30.74 17.97 -5.95
CA SER A 253 -29.86 17.71 -4.81
C SER A 253 -30.58 17.96 -3.48
N SER A 254 -30.10 17.34 -2.43
CA SER A 254 -30.66 17.50 -1.07
C SER A 254 -29.65 16.98 -0.06
N THR A 255 -29.67 17.47 1.16
CA THR A 255 -29.08 16.78 2.26
C THR A 255 -29.88 15.51 2.56
N GLY A 256 -29.26 14.63 3.35
CA GLY A 256 -29.89 13.40 3.74
C GLY A 256 -29.53 13.02 5.17
N PRO A 257 -29.57 11.72 5.52
CA PRO A 257 -29.35 11.34 6.91
C PRO A 257 -27.94 11.60 7.43
N ILE A 258 -26.94 11.66 6.53
CA ILE A 258 -25.61 11.95 7.07
C ILE A 258 -25.56 13.44 7.41
N ILE A 259 -25.33 13.73 8.71
CA ILE A 259 -25.18 15.10 9.17
C ILE A 259 -23.77 15.60 8.92
N SER A 260 -22.79 14.74 9.25
CA SER A 260 -21.39 15.05 9.00
C SER A 260 -20.66 13.72 8.80
N SER A 261 -19.61 13.74 7.99
CA SER A 261 -18.76 12.53 7.83
C SER A 261 -17.36 12.96 7.44
N GLU A 262 -16.43 12.75 8.36
CA GLU A 262 -15.09 13.36 8.33
C GLU A 262 -14.08 12.23 8.57
N ILE A 263 -12.98 12.27 7.81
CA ILE A 263 -11.89 11.29 7.90
CA ILE A 263 -11.99 11.23 7.94
C ILE A 263 -11.49 11.16 9.38
N TYR A 264 -11.13 12.30 9.99
CA TYR A 264 -10.58 12.27 11.37
C TYR A 264 -11.65 12.15 12.44
N ASP A 265 -12.68 13.02 12.37
CA ASP A 265 -13.58 13.10 13.51
C ASP A 265 -14.68 12.04 13.53
N GLY A 266 -15.06 11.48 12.38
CA GLY A 266 -16.06 10.45 12.28
C GLY A 266 -17.34 10.96 11.63
N GLU A 267 -18.39 10.17 11.80
CA GLU A 267 -19.66 10.36 11.10
C GLU A 267 -20.81 10.48 12.12
N GLU A 268 -21.66 11.51 11.92
CA GLU A 268 -22.96 11.67 12.62
C GLU A 268 -24.05 11.37 11.58
N TYR A 269 -24.84 10.34 11.87
CA TYR A 269 -25.91 9.87 10.98
C TYR A 269 -27.22 9.93 11.75
N ASP A 270 -28.22 10.56 11.15
CA ASP A 270 -29.57 10.66 11.75
C ASP A 270 -30.52 9.88 10.85
N SER A 271 -30.84 8.64 11.25
CA SER A 271 -31.63 7.76 10.38
C SER A 271 -33.07 8.26 10.20
N ARG A 272 -33.51 9.19 11.06
CA ARG A 272 -34.82 9.78 10.93
C ARG A 272 -34.94 10.59 9.64
N LEU A 273 -33.79 10.99 9.08
CA LEU A 273 -33.76 11.82 7.88
C LEU A 273 -33.55 11.01 6.59
N GLU A 274 -33.64 9.68 6.66
CA GLU A 274 -33.60 8.86 5.46
C GLU A 274 -34.81 9.19 4.59
N GLN A 275 -34.56 9.32 3.29
CA GLN A 275 -35.62 9.51 2.29
C GLN A 275 -35.74 8.25 1.43
N LYS A 276 -36.53 7.29 1.88
CA LYS A 276 -36.62 6.02 1.20
C LYS A 276 -37.10 6.24 -0.24
N GLY A 277 -36.43 5.59 -1.19
CA GLY A 277 -36.79 5.67 -2.59
C GLY A 277 -36.05 6.76 -3.38
N TRP A 278 -35.13 7.51 -2.76
CA TRP A 278 -34.51 8.61 -3.47
C TRP A 278 -33.69 8.17 -4.68
N SER A 279 -33.20 6.92 -4.70
CA SER A 279 -32.47 6.42 -5.84
C SER A 279 -33.32 5.55 -6.75
N GLN A 280 -34.66 5.72 -6.70
CA GLN A 280 -35.60 5.00 -7.52
C GLN A 280 -36.57 5.97 -8.19
N VAL A 281 -37.16 5.50 -9.28
CA VAL A 281 -38.17 6.34 -9.97
C VAL A 281 -39.44 6.49 -9.14
N GLY A 282 -40.24 7.48 -9.52
CA GLY A 282 -41.51 7.70 -8.84
C GLY A 282 -41.33 8.36 -7.48
N PHE A 283 -40.17 8.97 -7.26
CA PHE A 283 -39.84 9.57 -5.98
C PHE A 283 -40.45 10.96 -5.86
N ASN A 284 -40.81 11.32 -4.62
CA ASN A 284 -41.30 12.66 -4.29
C ASN A 284 -40.08 13.56 -4.06
N SER A 285 -39.70 14.35 -5.06
CA SER A 285 -38.52 15.19 -4.94
C SER A 285 -38.89 16.63 -4.59
N THR A 286 -40.12 16.82 -4.07
CA THR A 286 -40.51 18.08 -3.49
C THR A 286 -39.51 18.45 -2.41
N GLY A 287 -39.09 19.70 -2.48
CA GLY A 287 -38.17 20.19 -1.50
C GLY A 287 -36.72 19.99 -1.91
N TRP A 288 -36.44 19.18 -2.94
CA TRP A 288 -35.09 19.08 -3.45
C TRP A 288 -34.74 20.37 -4.20
N LEU A 289 -33.46 20.70 -4.15
CA LEU A 289 -32.91 21.88 -4.76
C LEU A 289 -32.38 21.56 -6.15
N GLY A 290 -32.03 22.62 -6.88
CA GLY A 290 -31.32 22.45 -8.12
C GLY A 290 -29.84 22.15 -7.93
N THR A 291 -29.18 22.15 -9.09
CA THR A 291 -27.75 21.91 -9.20
C THR A 291 -27.18 22.89 -10.23
N HIS A 292 -25.86 23.07 -10.19
CA HIS A 292 -25.15 23.99 -11.11
C HIS A 292 -23.77 23.39 -11.43
N GLU A 293 -23.12 23.93 -12.46
CA GLU A 293 -21.83 23.43 -12.91
C GLU A 293 -20.70 24.08 -12.10
N LEU A 294 -19.64 23.31 -11.83
CA LEU A 294 -18.38 23.80 -11.24
C LEU A 294 -17.29 23.71 -12.30
N SER A 295 -16.55 24.80 -12.52
CA SER A 295 -15.43 24.77 -13.46
C SER A 295 -14.41 23.71 -13.05
N PHE A 296 -14.00 22.88 -14.01
CA PHE A 296 -13.09 21.75 -13.69
C PHE A 296 -12.34 21.29 -14.94
N PRO A 297 -10.99 21.20 -14.89
CA PRO A 297 -10.25 20.73 -16.06
C PRO A 297 -10.18 19.21 -16.19
N LYS A 298 -10.89 18.67 -17.19
CA LYS A 298 -10.98 17.19 -17.42
C LYS A 298 -9.64 16.59 -17.84
N GLU A 299 -8.60 17.42 -18.07
CA GLU A 299 -7.26 16.94 -18.43
C GLU A 299 -6.62 16.20 -17.25
N ARG A 300 -7.08 16.43 -16.00
CA ARG A 300 -6.46 15.76 -14.85
C ARG A 300 -7.04 14.35 -14.63
N LEU A 301 -8.13 14.01 -15.34
CA LEU A 301 -8.80 12.76 -15.05
C LEU A 301 -7.95 11.57 -15.52
N ALA A 302 -7.85 10.55 -14.64
CA ALA A 302 -7.02 9.39 -14.92
C ALA A 302 -7.72 8.12 -14.44
N SER A 303 -7.45 7.01 -15.15
CA SER A 303 -7.80 5.69 -14.68
C SER A 303 -6.86 5.30 -13.52
N PRO A 304 -7.34 4.54 -12.54
CA PRO A 304 -6.44 3.94 -11.54
C PRO A 304 -5.39 3.03 -12.18
N ASP A 305 -4.20 3.01 -11.57
CA ASP A 305 -3.17 2.03 -11.91
C ASP A 305 -3.30 0.79 -11.07
N GLY A 306 -3.90 0.88 -9.90
CA GLY A 306 -4.00 -0.18 -8.97
C GLY A 306 -5.42 -0.42 -8.50
N PRO A 307 -5.58 -1.23 -7.45
CA PRO A 307 -6.89 -1.67 -7.03
C PRO A 307 -7.52 -0.63 -6.13
N PRO A 308 -8.86 -0.70 -6.00
CA PRO A 308 -9.59 0.24 -5.15
C PRO A 308 -9.52 -0.16 -3.68
N VAL A 309 -10.00 0.76 -2.85
CA VAL A 309 -10.26 0.47 -1.44
C VAL A 309 -11.58 -0.30 -1.37
N ARG A 310 -11.60 -1.40 -0.63
CA ARG A 310 -12.76 -2.22 -0.45
C ARG A 310 -12.90 -2.61 1.02
N ARG A 311 -14.13 -3.07 1.32
CA ARG A 311 -14.40 -3.81 2.51
C ARG A 311 -13.86 -5.22 2.28
N VAL A 312 -12.65 -5.46 2.76
CA VAL A 312 -11.93 -6.67 2.37
C VAL A 312 -12.35 -7.85 3.22
N ALA A 313 -12.67 -7.63 4.51
CA ALA A 313 -13.02 -8.70 5.43
C ALA A 313 -13.88 -8.15 6.56
N GLU A 314 -14.56 -9.09 7.23
CA GLU A 314 -15.16 -8.92 8.51
CA GLU A 314 -15.15 -8.86 8.53
C GLU A 314 -14.16 -9.33 9.59
N HIS A 315 -14.21 -8.70 10.75
CA HIS A 315 -13.48 -9.16 11.92
C HIS A 315 -14.45 -9.17 13.10
N LYS A 316 -14.64 -10.38 13.66
CA LYS A 316 -15.68 -10.55 14.68
C LYS A 316 -15.27 -9.95 16.02
N LEU A 317 -16.31 -9.55 16.77
CA LEU A 317 -16.16 -9.12 18.12
C LEU A 317 -15.58 -10.28 18.94
N ALA A 318 -14.57 -9.97 19.75
CA ALA A 318 -13.92 -10.96 20.61
C ALA A 318 -14.46 -10.92 22.06
N ASN A 319 -14.84 -9.74 22.54
CA ASN A 319 -15.26 -9.60 23.92
C ASN A 319 -15.97 -8.25 24.09
N VAL A 320 -16.87 -8.21 25.07
CA VAL A 320 -17.49 -7.02 25.56
C VAL A 320 -17.21 -6.97 27.06
N PHE A 321 -16.73 -5.82 27.54
CA PHE A 321 -16.32 -5.73 28.95
C PHE A 321 -16.66 -4.35 29.50
N SER A 322 -16.57 -4.23 30.83
CA SER A 322 -16.83 -3.03 31.51
C SER A 322 -15.52 -2.31 31.81
N SER A 323 -15.44 -1.01 31.52
CA SER A 323 -14.27 -0.19 31.86
C SER A 323 -14.19 0.02 33.37
N ALA A 324 -13.11 0.66 33.83
CA ALA A 324 -12.93 0.93 35.28
C ALA A 324 -14.14 1.69 35.84
N SER A 325 -14.71 2.60 35.03
CA SER A 325 -15.84 3.45 35.50
C SER A 325 -17.21 2.90 35.05
N GLY A 326 -17.23 1.69 34.48
CA GLY A 326 -18.45 0.99 34.12
C GLY A 326 -18.93 1.30 32.70
N LYS A 327 -18.07 1.87 31.85
CA LYS A 327 -18.45 2.10 30.44
C LYS A 327 -18.43 0.74 29.70
N THR A 328 -19.23 0.64 28.64
CA THR A 328 -19.28 -0.56 27.81
C THR A 328 -18.22 -0.46 26.72
N VAL A 329 -17.35 -1.49 26.64
CA VAL A 329 -16.25 -1.51 25.67
C VAL A 329 -16.27 -2.82 24.86
N LEU A 330 -16.20 -2.64 23.54
CA LEU A 330 -15.97 -3.72 22.59
C LEU A 330 -14.46 -3.93 22.43
N ASP A 331 -14.07 -5.20 22.34
CA ASP A 331 -12.72 -5.63 22.01
C ASP A 331 -12.83 -6.52 20.77
N PHE A 332 -12.18 -6.08 19.67
CA PHE A 332 -12.15 -6.89 18.44
C PHE A 332 -10.93 -7.83 18.36
N GLY A 333 -10.04 -7.78 19.36
CA GLY A 333 -8.89 -8.72 19.43
C GLY A 333 -7.74 -8.40 18.49
N GLN A 334 -7.89 -7.36 17.69
CA GLN A 334 -6.96 -6.98 16.63
C GLN A 334 -7.09 -5.48 16.47
N ASN A 335 -5.97 -4.78 16.36
CA ASN A 335 -5.94 -3.38 16.00
C ASN A 335 -6.08 -3.31 14.48
N LEU A 336 -7.26 -2.92 14.01
CA LEU A 336 -7.64 -2.96 12.63
C LEU A 336 -8.00 -1.58 12.14
N VAL A 337 -8.20 -1.50 10.83
CA VAL A 337 -8.50 -0.24 10.14
C VAL A 337 -9.73 -0.44 9.28
N GLY A 338 -10.73 0.43 9.52
CA GLY A 338 -12.01 0.41 8.83
C GLY A 338 -13.07 1.04 9.73
N TRP A 339 -14.12 0.28 10.03
CA TRP A 339 -15.26 0.85 10.75
C TRP A 339 -16.15 -0.27 11.25
N LEU A 340 -17.23 0.10 11.93
CA LEU A 340 -18.22 -0.89 12.40
C LEU A 340 -19.40 -1.03 11.43
N ARG A 341 -20.00 -2.21 11.48
CA ARG A 341 -21.33 -2.47 10.91
C ARG A 341 -22.23 -2.88 12.07
N ILE A 342 -23.38 -2.21 12.20
CA ILE A 342 -24.30 -2.48 13.30
C ILE A 342 -25.63 -2.93 12.71
N ARG A 343 -26.32 -3.79 13.48
CA ARG A 343 -27.67 -4.22 13.18
CA ARG A 343 -27.66 -4.21 13.19
C ARG A 343 -28.44 -4.09 14.49
N VAL A 344 -29.36 -3.13 14.56
CA VAL A 344 -29.85 -2.70 15.84
C VAL A 344 -31.25 -2.12 15.68
N LYS A 345 -32.08 -2.33 16.71
CA LYS A 345 -33.39 -1.70 16.84
C LYS A 345 -33.41 -0.92 18.16
N GLY A 346 -34.01 0.26 18.14
CA GLY A 346 -34.11 1.00 19.37
C GLY A 346 -35.02 2.20 19.23
N PRO A 347 -35.21 2.97 20.32
CA PRO A 347 -36.14 4.09 20.32
C PRO A 347 -35.80 5.22 19.33
N LYS A 348 -36.84 5.69 18.66
CA LYS A 348 -36.73 6.82 17.76
C LYS A 348 -36.08 8.01 18.50
N GLY A 349 -35.01 8.55 17.92
CA GLY A 349 -34.31 9.74 18.42
C GLY A 349 -33.24 9.44 19.46
N GLN A 350 -33.09 8.18 19.86
CA GLN A 350 -31.98 7.78 20.72
C GLN A 350 -30.69 7.66 19.90
N THR A 351 -29.61 8.26 20.42
CA THR A 351 -28.34 8.28 19.75
C THR A 351 -27.35 7.32 20.44
N ILE A 352 -26.72 6.47 19.61
CA ILE A 352 -25.61 5.64 20.02
C ILE A 352 -24.30 6.31 19.60
N ARG A 353 -23.32 6.31 20.51
CA ARG A 353 -22.01 6.87 20.25
C ARG A 353 -20.96 5.74 20.31
N PHE A 354 -20.03 5.80 19.34
CA PHE A 354 -18.95 4.82 19.22
C PHE A 354 -17.61 5.55 19.21
N VAL A 355 -16.81 5.36 20.27
CA VAL A 355 -15.52 6.02 20.38
C VAL A 355 -14.43 4.95 20.16
N HIS A 356 -13.65 5.12 19.08
CA HIS A 356 -12.73 4.05 18.64
C HIS A 356 -11.29 4.36 19.09
N THR A 357 -10.62 3.38 19.71
CA THR A 357 -9.22 3.58 20.16
C THR A 357 -8.37 2.32 19.85
N GLU A 358 -7.06 2.53 19.82
CA GLU A 358 -6.11 1.43 19.57
C GLU A 358 -5.88 0.59 20.84
N VAL A 359 -5.88 1.28 21.98
CA VAL A 359 -5.46 0.70 23.26
C VAL A 359 -6.35 1.24 24.36
N MET A 360 -6.24 0.56 25.51
CA MET A 360 -6.76 1.00 26.76
C MET A 360 -5.62 1.62 27.56
N GLU A 361 -5.97 2.54 28.45
CA GLU A 361 -5.01 3.08 29.40
C GLU A 361 -5.75 3.50 30.67
N ASN A 362 -5.23 3.13 31.83
CA ASN A 362 -5.86 3.54 33.08
C ASN A 362 -7.31 3.06 33.13
N GLY A 363 -7.58 1.88 32.53
CA GLY A 363 -8.87 1.21 32.64
C GLY A 363 -9.95 1.80 31.73
N GLU A 364 -9.61 2.73 30.84
CA GLU A 364 -10.57 3.31 29.87
C GLU A 364 -9.94 3.34 28.48
N VAL A 365 -10.79 3.48 27.46
CA VAL A 365 -10.30 3.64 26.09
C VAL A 365 -9.39 4.88 26.04
N ALA A 366 -8.30 4.79 25.27
CA ALA A 366 -7.30 5.86 25.25
C ALA A 366 -7.46 6.74 24.02
N THR A 367 -8.12 7.90 24.16
CA THR A 367 -8.29 8.82 23.05
C THR A 367 -7.14 9.82 22.97
N ARG A 368 -6.41 10.02 24.09
CA ARG A 368 -5.38 11.05 24.13
C ARG A 368 -4.46 11.01 22.90
N PRO A 369 -3.84 9.87 22.49
CA PRO A 369 -2.87 9.90 21.38
C PRO A 369 -3.45 10.12 19.98
N LEU A 370 -4.78 10.21 19.88
CA LEU A 370 -5.47 10.55 18.62
C LEU A 370 -5.33 12.03 18.32
N ARG A 371 -4.96 12.83 19.33
CA ARG A 371 -4.79 14.27 19.14
C ARG A 371 -6.13 14.86 18.66
N GLN A 372 -6.11 15.66 17.58
CA GLN A 372 -7.35 16.35 17.09
C GLN A 372 -8.03 15.45 16.04
N ALA A 373 -8.31 14.20 16.40
CA ALA A 373 -9.13 13.25 15.64
C ALA A 373 -10.08 12.58 16.61
N LYS A 374 -11.38 12.91 16.55
CA LYS A 374 -12.30 12.35 17.54
C LYS A 374 -12.54 10.85 17.35
N ALA A 375 -12.44 10.35 16.09
CA ALA A 375 -12.70 8.92 15.76
C ALA A 375 -13.98 8.43 16.45
N THR A 376 -15.04 9.28 16.37
CA THR A 376 -16.29 9.05 17.06
C THR A 376 -17.45 9.13 16.07
N ASP A 377 -18.25 8.06 16.04
CA ASP A 377 -19.43 8.02 15.21
C ASP A 377 -20.67 8.09 16.10
N HIS A 378 -21.71 8.76 15.60
CA HIS A 378 -23.00 8.84 16.26
C HIS A 378 -24.06 8.33 15.32
N PHE A 379 -24.93 7.44 15.82
CA PHE A 379 -26.01 6.92 15.03
C PHE A 379 -27.31 7.16 15.78
N THR A 380 -28.19 7.96 15.18
CA THR A 380 -29.51 8.20 15.81
C THR A 380 -30.53 7.23 15.17
N LEU A 381 -31.15 6.45 16.05
CA LEU A 381 -32.12 5.40 15.70
C LEU A 381 -33.44 6.02 15.25
N SER A 382 -34.20 5.26 14.46
CA SER A 382 -35.50 5.71 13.93
C SER A 382 -36.68 5.01 14.62
N GLY A 383 -36.42 3.92 15.35
CA GLY A 383 -37.42 2.96 15.96
C GLY A 383 -38.31 2.29 14.95
N GLU A 384 -37.93 2.37 13.66
N GLU A 384 -37.95 2.28 13.67
CA GLU A 384 -38.62 1.73 12.54
CA GLU A 384 -38.90 1.85 12.64
C GLU A 384 -37.92 0.39 12.27
C GLU A 384 -38.87 0.32 12.50
N GLY A 385 -37.96 -0.47 13.28
N GLY A 385 -37.70 -0.24 12.84
CA GLY A 385 -37.49 -1.82 13.15
CA GLY A 385 -37.42 -1.65 12.84
C GLY A 385 -35.98 -1.91 13.23
C GLY A 385 -35.97 -1.89 13.18
N VAL A 386 -35.45 -3.05 12.77
CA VAL A 386 -34.05 -3.33 12.85
C VAL A 386 -33.34 -2.52 11.75
N GLN A 387 -32.31 -1.78 12.13
CA GLN A 387 -31.60 -0.92 11.18
C GLN A 387 -30.17 -1.48 11.00
N GLU A 388 -29.63 -1.37 9.78
CA GLU A 388 -28.23 -1.73 9.50
CA GLU A 388 -28.24 -1.71 9.53
C GLU A 388 -27.50 -0.45 9.07
N TRP A 389 -26.30 -0.26 9.60
CA TRP A 389 -25.52 0.95 9.28
C TRP A 389 -24.04 0.63 9.29
N GLU A 390 -23.37 1.32 8.36
CA GLU A 390 -21.95 1.52 8.35
C GLU A 390 -21.72 2.97 7.96
N PRO A 391 -20.67 3.64 8.46
CA PRO A 391 -20.38 4.99 8.00
C PRO A 391 -19.96 4.97 6.53
N SER A 392 -19.99 6.14 5.91
CA SER A 392 -19.75 6.28 4.48
C SER A 392 -18.43 6.96 4.13
N PHE A 393 -18.03 7.97 4.87
CA PHE A 393 -16.88 8.81 4.42
C PHE A 393 -15.86 9.05 5.54
N THR A 394 -15.76 8.08 6.46
CA THR A 394 -14.75 8.16 7.51
C THR A 394 -14.04 6.80 7.58
N TYR A 395 -12.95 6.75 8.36
CA TYR A 395 -12.41 5.46 8.75
C TYR A 395 -11.66 5.64 10.05
N HIS A 396 -11.43 4.53 10.76
CA HIS A 396 -10.78 4.58 12.05
C HIS A 396 -9.74 3.46 12.16
N GLY A 397 -8.78 3.67 13.05
CA GLY A 397 -7.80 2.66 13.40
C GLY A 397 -8.01 2.30 14.86
N PHE A 398 -8.37 1.04 15.15
CA PHE A 398 -8.85 0.70 16.50
C PHE A 398 -8.85 -0.80 16.77
N ARG A 399 -8.77 -1.14 18.06
CA ARG A 399 -9.10 -2.46 18.58
C ARG A 399 -10.33 -2.41 19.52
N TYR A 400 -10.49 -1.27 20.21
CA TYR A 400 -11.52 -1.08 21.22
C TYR A 400 -12.51 0.00 20.78
N VAL A 401 -13.75 -0.17 21.26
CA VAL A 401 -14.79 0.84 21.01
C VAL A 401 -15.59 1.00 22.31
N GLN A 402 -15.62 2.23 22.83
CA GLN A 402 -16.55 2.56 23.92
C GLN A 402 -17.90 2.89 23.28
N VAL A 403 -18.95 2.25 23.80
CA VAL A 403 -20.29 2.38 23.21
C VAL A 403 -21.21 2.98 24.26
N ASP A 404 -21.81 4.15 23.94
CA ASP A 404 -22.78 4.79 24.84
C ASP A 404 -24.12 4.89 24.12
N GLY A 405 -25.20 4.69 24.87
CA GLY A 405 -26.54 4.84 24.32
C GLY A 405 -27.05 3.62 23.57
N TRP A 406 -26.33 2.50 23.62
CA TRP A 406 -26.80 1.29 22.95
C TRP A 406 -28.14 0.87 23.54
N PRO A 407 -29.15 0.57 22.70
CA PRO A 407 -30.50 0.32 23.20
C PRO A 407 -30.66 -1.05 23.87
N ALA A 408 -31.40 -1.04 24.97
CA ALA A 408 -31.78 -2.24 25.70
C ALA A 408 -32.51 -3.24 24.77
N ASP A 409 -33.22 -2.72 23.75
CA ASP A 409 -34.03 -3.54 22.82
C ASP A 409 -33.18 -4.57 22.06
N THR A 410 -31.88 -4.28 21.83
CA THR A 410 -31.00 -5.18 21.08
C THR A 410 -29.83 -5.61 21.94
N PRO A 411 -29.53 -6.91 22.07
CA PRO A 411 -28.31 -7.35 22.76
C PRO A 411 -27.05 -6.93 21.99
N LEU A 412 -26.05 -6.44 22.70
CA LEU A 412 -24.81 -6.02 22.10
C LEU A 412 -23.83 -7.20 22.04
N ASP A 413 -23.69 -7.78 20.84
CA ASP A 413 -22.93 -9.02 20.67
C ASP A 413 -22.58 -9.23 19.19
N GLU A 414 -22.05 -10.41 18.87
CA GLU A 414 -21.52 -10.66 17.54
C GLU A 414 -22.63 -10.62 16.46
N ASN A 415 -23.90 -10.73 16.86
CA ASN A 415 -25.03 -10.64 15.89
C ASN A 415 -25.47 -9.19 15.64
N SER A 416 -25.05 -8.24 16.46
CA SER A 416 -25.48 -6.84 16.28
C SER A 416 -24.32 -5.89 15.96
N VAL A 417 -23.05 -6.33 16.12
CA VAL A 417 -21.91 -5.48 15.79
C VAL A 417 -20.78 -6.37 15.27
N THR A 418 -20.12 -5.87 14.22
CA THR A 418 -18.92 -6.48 13.69
CA THR A 418 -18.93 -6.47 13.68
C THR A 418 -18.02 -5.37 13.15
N ALA A 419 -16.72 -5.67 13.00
CA ALA A 419 -15.77 -4.74 12.41
C ALA A 419 -15.60 -5.09 10.93
N ILE A 420 -15.43 -4.04 10.14
CA ILE A 420 -15.19 -4.15 8.73
C ILE A 420 -13.77 -3.64 8.49
N VAL A 421 -12.95 -4.52 7.90
CA VAL A 421 -11.55 -4.27 7.58
C VAL A 421 -11.49 -3.67 6.17
N VAL A 422 -10.93 -2.44 6.06
CA VAL A 422 -10.99 -1.66 4.84
C VAL A 422 -9.56 -1.27 4.46
N HIS A 423 -9.19 -1.52 3.18
CA HIS A 423 -7.91 -1.08 2.67
C HIS A 423 -7.88 -1.27 1.15
N SER A 424 -6.78 -0.78 0.54
CA SER A 424 -6.58 -1.02 -0.89
C SER A 424 -6.47 -2.53 -1.15
N ASP A 425 -7.27 -3.02 -2.09
CA ASP A 425 -7.52 -4.47 -2.21
C ASP A 425 -6.51 -5.14 -3.15
N MET A 426 -5.25 -5.12 -2.71
CA MET A 426 -4.16 -5.70 -3.46
C MET A 426 -4.20 -7.23 -3.35
N GLU A 427 -3.59 -7.89 -4.34
CA GLU A 427 -3.49 -9.35 -4.32
C GLU A 427 -2.44 -9.76 -3.30
N ARG A 428 -2.82 -10.60 -2.34
CA ARG A 428 -1.88 -11.16 -1.38
C ARG A 428 -0.89 -12.10 -2.08
N THR A 429 0.39 -11.90 -1.76
CA THR A 429 1.46 -12.68 -2.40
C THR A 429 2.39 -13.36 -1.40
N GLY A 430 2.62 -12.85 -0.21
CA GLY A 430 3.71 -13.33 0.63
C GLY A 430 3.26 -13.77 2.00
N TYR A 431 3.82 -14.90 2.46
CA TYR A 431 3.38 -15.57 3.68
C TYR A 431 4.63 -16.04 4.44
N PHE A 432 4.54 -16.06 5.76
CA PHE A 432 5.64 -16.51 6.59
C PHE A 432 5.11 -17.03 7.93
N GLU A 433 5.62 -18.19 8.36
CA GLU A 433 5.43 -18.63 9.74
C GLU A 433 6.64 -19.46 10.13
N CYS A 434 6.84 -19.63 11.44
CA CYS A 434 7.94 -20.43 11.88
C CYS A 434 7.60 -21.09 13.20
N SER A 435 8.54 -21.87 13.73
CA SER A 435 8.33 -22.64 14.95
C SER A 435 8.22 -21.76 16.20
N ASN A 436 8.74 -20.53 16.16
CA ASN A 436 8.68 -19.60 17.28
C ASN A 436 7.38 -18.82 17.17
N PRO A 437 6.42 -19.06 18.09
CA PRO A 437 5.11 -18.42 17.98
C PRO A 437 5.15 -16.89 18.10
N LEU A 438 6.13 -16.35 18.84
CA LEU A 438 6.23 -14.89 18.95
C LEU A 438 6.68 -14.31 17.59
N ILE A 439 7.65 -14.92 16.92
CA ILE A 439 8.14 -14.40 15.62
C ILE A 439 7.04 -14.62 14.58
N SER A 440 6.32 -15.73 14.64
CA SER A 440 5.16 -15.90 13.73
C SER A 440 4.13 -14.77 13.96
N LYS A 441 3.87 -14.44 15.24
CA LYS A 441 2.92 -13.36 15.52
C LYS A 441 3.47 -12.02 15.04
N LEU A 442 4.77 -11.78 15.21
CA LEU A 442 5.39 -10.55 14.67
C LEU A 442 5.06 -10.38 13.18
N HIS A 443 5.19 -11.44 12.39
CA HIS A 443 4.88 -11.35 10.97
C HIS A 443 3.38 -11.00 10.76
N GLU A 444 2.49 -11.67 11.52
CA GLU A 444 1.07 -11.35 11.43
CA GLU A 444 1.04 -11.35 11.45
C GLU A 444 0.83 -9.86 11.73
N ASN A 445 1.55 -9.34 12.72
CA ASN A 445 1.41 -7.94 13.13
C ASN A 445 1.90 -7.00 12.03
N ILE A 446 2.97 -7.38 11.33
CA ILE A 446 3.47 -6.60 10.19
C ILE A 446 2.45 -6.59 9.06
N LEU A 447 1.89 -7.74 8.80
CA LEU A 447 0.81 -7.88 7.80
C LEU A 447 -0.36 -6.93 8.14
N TRP A 448 -0.78 -6.94 9.40
CA TRP A 448 -1.87 -6.06 9.78
C TRP A 448 -1.49 -4.57 9.72
N SER A 449 -0.24 -4.21 10.06
CA SER A 449 0.18 -2.83 9.90
C SER A 449 0.20 -2.40 8.42
N MET A 450 0.59 -3.32 7.53
CA MET A 450 0.53 -3.05 6.12
C MET A 450 -0.93 -2.82 5.67
N ARG A 451 -1.80 -3.75 6.06
CA ARG A 451 -3.21 -3.61 5.72
C ARG A 451 -3.78 -2.26 6.21
N GLY A 452 -3.37 -1.82 7.40
CA GLY A 452 -3.95 -0.64 7.92
C GLY A 452 -3.53 0.63 7.20
N ASN A 453 -2.35 0.59 6.58
CA ASN A 453 -1.67 1.75 6.06
C ASN A 453 -1.48 1.72 4.54
N PHE A 454 -2.07 0.75 3.83
CA PHE A 454 -2.15 0.82 2.37
C PHE A 454 -3.61 1.14 2.05
N PHE A 455 -3.92 2.42 2.23
CA PHE A 455 -5.34 2.89 2.20
C PHE A 455 -5.39 4.04 1.19
N SER A 456 -5.41 3.70 -0.10
CA SER A 456 -5.33 4.63 -1.30
C SER A 456 -3.86 5.07 -1.52
N ILE A 457 -3.23 5.59 -0.45
CA ILE A 457 -1.83 6.02 -0.41
C ILE A 457 -1.15 5.26 0.74
N PRO A 458 0.20 5.15 0.77
CA PRO A 458 0.89 4.52 1.88
C PRO A 458 1.02 5.51 3.02
N THR A 459 0.21 5.28 4.03
CA THR A 459 0.10 6.21 5.15
C THR A 459 1.09 5.88 6.28
N ASP A 460 1.50 6.91 7.02
CA ASP A 460 2.25 6.70 8.22
C ASP A 460 1.44 5.96 9.28
N CYS A 461 0.18 6.38 9.47
CA CYS A 461 -0.68 5.76 10.45
C CYS A 461 -2.14 5.97 10.05
N PRO A 462 -3.07 5.18 10.61
CA PRO A 462 -4.47 5.23 10.21
C PRO A 462 -5.44 5.77 11.25
N GLN A 463 -4.97 6.26 12.38
CA GLN A 463 -5.87 6.51 13.53
C GLN A 463 -5.95 7.98 13.94
N ARG A 464 -4.83 8.68 14.05
CA ARG A 464 -4.80 10.03 14.56
C ARG A 464 -5.05 11.02 13.42
N ASP A 465 -4.85 12.31 13.74
CA ASP A 465 -5.03 13.43 12.82
C ASP A 465 -3.82 13.59 11.91
N GLU A 466 -3.53 12.52 11.19
CA GLU A 466 -2.36 12.51 10.27
C GLU A 466 -2.77 11.67 9.06
N ARG A 467 -2.24 10.44 8.94
CA ARG A 467 -2.64 9.51 7.84
C ARG A 467 -2.18 10.13 6.52
N LEU A 468 -0.90 10.56 6.48
CA LEU A 468 -0.36 11.23 5.31
C LEU A 468 0.65 10.30 4.62
N GLY A 469 0.91 10.62 3.35
CA GLY A 469 1.83 9.78 2.56
C GLY A 469 3.29 10.06 2.83
N TRP A 470 3.70 9.78 4.08
CA TRP A 470 5.07 10.09 4.51
C TRP A 470 6.12 9.30 3.70
N THR A 471 7.02 10.05 3.08
CA THR A 471 7.97 9.51 2.10
C THR A 471 9.01 8.57 2.74
N GLY A 472 9.57 8.97 3.88
CA GLY A 472 10.61 8.17 4.46
C GLY A 472 10.09 6.80 4.89
N ASP A 473 8.87 6.73 5.44
CA ASP A 473 8.34 5.50 5.96
C ASP A 473 8.21 4.45 4.84
N ILE A 474 7.68 4.87 3.68
CA ILE A 474 7.52 3.93 2.59
C ILE A 474 8.87 3.56 1.98
N HIS A 475 9.82 4.49 1.99
CA HIS A 475 11.18 4.15 1.57
C HIS A 475 11.70 2.97 2.40
N ALA A 476 11.58 3.07 3.72
CA ALA A 476 12.06 2.02 4.62
C ALA A 476 11.30 0.70 4.45
N PHE A 477 9.99 0.78 4.22
CA PHE A 477 9.12 -0.42 4.32
C PHE A 477 8.93 -1.15 2.97
N SER A 478 9.19 -0.52 1.80
CA SER A 478 8.66 -1.11 0.56
C SER A 478 9.31 -2.49 0.23
N ARG A 479 10.56 -2.78 0.68
CA ARG A 479 11.14 -4.07 0.43
C ARG A 479 10.28 -5.17 1.09
N THR A 480 9.79 -4.91 2.29
CA THR A 480 8.88 -5.78 3.00
C THR A 480 7.50 -5.81 2.29
N ALA A 481 6.95 -4.62 2.03
CA ALA A 481 5.60 -4.49 1.53
C ALA A 481 5.40 -5.25 0.22
N ASN A 482 6.38 -5.14 -0.72
CA ASN A 482 6.26 -5.66 -2.03
C ASN A 482 6.35 -7.20 -2.08
N PHE A 483 6.77 -7.81 -0.97
CA PHE A 483 6.72 -9.24 -0.83
C PHE A 483 5.33 -9.69 -0.33
N ILE A 484 4.76 -8.93 0.62
CA ILE A 484 3.50 -9.38 1.26
C ILE A 484 2.30 -9.26 0.30
N TYR A 485 2.25 -8.14 -0.45
CA TYR A 485 1.18 -7.91 -1.41
C TYR A 485 1.77 -7.40 -2.72
N ASP A 486 1.03 -7.58 -3.81
CA ASP A 486 1.36 -7.02 -5.10
C ASP A 486 1.00 -5.52 -5.08
N THR A 487 2.01 -4.71 -4.76
CA THR A 487 1.88 -3.28 -4.60
C THR A 487 2.17 -2.49 -5.86
N ALA A 488 2.40 -3.18 -7.00
CA ALA A 488 2.95 -2.48 -8.15
C ALA A 488 2.05 -1.33 -8.65
N GLY A 489 0.78 -1.64 -8.91
CA GLY A 489 -0.12 -0.58 -9.40
C GLY A 489 -0.39 0.53 -8.39
N PHE A 490 -0.52 0.13 -7.14
CA PHE A 490 -0.71 1.08 -6.04
C PHE A 490 0.45 2.08 -6.01
N LEU A 491 1.69 1.57 -6.04
CA LEU A 491 2.86 2.46 -5.95
C LEU A 491 3.12 3.16 -7.28
N ARG A 492 2.70 2.56 -8.41
CA ARG A 492 2.83 3.29 -9.65
C ARG A 492 2.10 4.64 -9.58
N ALA A 493 0.85 4.58 -9.09
CA ALA A 493 0.01 5.77 -8.98
C ALA A 493 0.64 6.79 -8.01
N TRP A 494 1.04 6.29 -6.84
CA TRP A 494 1.62 7.17 -5.83
C TRP A 494 2.84 7.91 -6.37
N LEU A 495 3.71 7.16 -7.08
CA LEU A 495 4.92 7.74 -7.60
C LEU A 495 4.70 8.74 -8.74
N LYS A 496 3.58 8.60 -9.49
CA LYS A 496 3.21 9.66 -10.43
C LYS A 496 2.96 10.99 -9.69
N ASP A 497 2.25 10.88 -8.58
CA ASP A 497 1.95 12.07 -7.76
C ASP A 497 3.23 12.63 -7.16
N ALA A 498 4.12 11.72 -6.71
CA ALA A 498 5.37 12.19 -6.11
C ALA A 498 6.11 13.07 -7.14
N ARG A 499 6.17 12.59 -8.41
CA ARG A 499 6.85 13.30 -9.48
C ARG A 499 6.19 14.66 -9.72
N SER A 500 4.85 14.69 -9.85
CA SER A 500 4.15 15.95 -10.08
C SER A 500 4.43 16.96 -8.95
N GLU A 501 4.40 16.48 -7.71
CA GLU A 501 4.63 17.32 -6.57
C GLU A 501 6.04 17.89 -6.61
N GLN A 502 7.04 17.01 -6.87
CA GLN A 502 8.44 17.40 -6.98
C GLN A 502 8.64 18.49 -8.03
N LEU A 503 7.96 18.38 -9.18
CA LEU A 503 8.19 19.35 -10.25
C LEU A 503 7.70 20.75 -9.84
N ASN A 504 6.82 20.86 -8.85
CA ASN A 504 6.43 22.17 -8.32
C ASN A 504 7.09 22.51 -6.99
N HIS A 505 8.21 21.85 -6.67
CA HIS A 505 8.93 22.01 -5.42
C HIS A 505 10.45 22.10 -5.67
N SER A 506 10.81 22.71 -6.80
CA SER A 506 12.23 22.99 -7.15
C SER A 506 13.08 21.71 -7.09
N TYR A 507 12.47 20.60 -7.55
CA TYR A 507 13.11 19.29 -7.77
C TYR A 507 13.36 18.55 -6.46
N SER A 508 12.93 19.12 -5.33
CA SER A 508 12.90 18.47 -4.05
C SER A 508 11.55 17.77 -3.88
N LEU A 509 11.53 16.72 -3.07
CA LEU A 509 10.32 15.97 -2.79
C LEU A 509 9.69 16.52 -1.49
N PRO A 510 8.41 16.93 -1.53
CA PRO A 510 7.71 17.26 -0.28
C PRO A 510 7.75 16.08 0.69
N TYR A 511 7.64 16.36 1.97
CA TYR A 511 7.70 15.31 2.99
C TYR A 511 6.60 14.28 2.85
N VAL A 512 5.39 14.75 2.52
CA VAL A 512 4.26 13.86 2.31
C VAL A 512 3.67 14.04 0.93
N ILE A 513 3.15 12.93 0.39
CA ILE A 513 2.55 12.88 -0.93
C ILE A 513 1.24 12.13 -0.83
N PRO A 514 0.10 12.74 -1.24
CA PRO A 514 -0.04 14.11 -1.74
C PRO A 514 0.41 15.19 -0.74
N ASN A 515 0.93 16.28 -1.30
CA ASN A 515 1.54 17.31 -0.50
C ASN A 515 0.46 18.33 -0.03
N ILE A 516 0.20 18.36 1.27
CA ILE A 516 -0.75 19.30 1.86
C ILE A 516 -0.02 20.49 2.48
N HIS A 517 1.31 20.53 2.45
CA HIS A 517 2.12 21.47 3.23
C HIS A 517 2.72 22.62 2.39
N GLY A 518 2.46 22.69 1.10
CA GLY A 518 2.99 23.84 0.30
C GLY A 518 4.46 23.66 -0.04
N ASN A 519 5.19 24.78 -0.23
CA ASN A 519 6.52 24.71 -0.83
C ASN A 519 7.66 25.03 0.16
N GLY A 520 7.37 25.07 1.46
CA GLY A 520 8.33 25.58 2.46
C GLY A 520 9.30 24.53 3.01
N GLU A 521 9.00 23.25 2.82
CA GLU A 521 9.82 22.19 3.37
C GLU A 521 11.16 22.13 2.63
N THR A 522 12.25 22.06 3.38
CA THR A 522 13.58 21.96 2.78
C THR A 522 13.94 20.51 2.50
N PRO A 523 14.84 20.24 1.52
CA PRO A 523 15.13 18.86 1.11
C PRO A 523 15.77 18.04 2.25
N THR A 524 15.33 16.78 2.40
CA THR A 524 15.86 15.89 3.45
C THR A 524 16.30 14.54 2.85
N SER A 525 17.29 13.96 3.50
CA SER A 525 17.72 12.58 3.21
C SER A 525 16.67 11.61 3.70
N ILE A 526 16.61 10.43 3.08
CA ILE A 526 15.74 9.28 3.41
C ILE A 526 14.30 9.53 2.93
N TRP A 527 13.70 10.59 3.47
CA TRP A 527 12.38 11.10 3.05
C TRP A 527 12.49 11.55 1.60
N GLY A 528 13.36 12.50 1.27
CA GLY A 528 13.46 12.92 -0.09
C GLY A 528 13.99 11.80 -1.01
N ASP A 529 14.87 10.98 -0.44
CA ASP A 529 15.46 9.86 -1.16
C ASP A 529 14.42 8.82 -1.58
N ALA A 530 13.17 8.88 -1.06
CA ALA A 530 12.15 7.97 -1.52
C ALA A 530 11.93 7.98 -3.03
N ILE A 531 12.17 9.15 -3.65
CA ILE A 531 11.93 9.30 -5.10
C ILE A 531 12.94 8.47 -5.93
N VAL A 532 14.02 8.03 -5.28
CA VAL A 532 15.00 7.09 -5.88
C VAL A 532 14.71 5.67 -5.38
N GLY A 533 14.64 5.55 -4.06
CA GLY A 533 14.62 4.23 -3.39
C GLY A 533 13.36 3.42 -3.70
N VAL A 534 12.19 4.10 -3.69
CA VAL A 534 10.94 3.35 -3.91
C VAL A 534 10.93 2.84 -5.36
N PRO A 535 11.23 3.65 -6.40
CA PRO A 535 11.44 3.12 -7.75
C PRO A 535 12.48 1.98 -7.86
N TRP A 536 13.61 2.14 -7.18
CA TRP A 536 14.64 1.10 -7.29
C TRP A 536 14.06 -0.24 -6.78
N GLN A 537 13.44 -0.20 -5.61
CA GLN A 537 12.84 -1.40 -5.01
C GLN A 537 11.69 -1.95 -5.87
N LEU A 538 10.89 -1.03 -6.44
CA LEU A 538 9.77 -1.48 -7.23
C LEU A 538 10.29 -2.32 -8.41
N TYR A 539 11.40 -1.86 -9.03
CA TYR A 539 11.99 -2.60 -10.13
C TYR A 539 12.61 -3.96 -9.67
N GLU A 540 13.26 -3.95 -8.52
CA GLU A 540 13.77 -5.20 -7.96
C GLU A 540 12.62 -6.20 -7.80
N SER A 541 11.46 -5.70 -7.34
CA SER A 541 10.35 -6.62 -7.01
C SER A 541 9.58 -7.07 -8.26
N PHE A 542 9.35 -6.15 -9.21
CA PHE A 542 8.37 -6.46 -10.32
C PHE A 542 8.99 -6.43 -11.72
N GLY A 543 10.21 -5.91 -11.84
CA GLY A 543 10.95 -5.96 -13.08
C GLY A 543 10.43 -5.14 -14.25
N ASP A 544 9.59 -4.12 -13.98
CA ASP A 544 8.93 -3.39 -15.04
C ASP A 544 9.83 -2.25 -15.57
N LYS A 545 10.42 -2.43 -16.75
CA LYS A 545 11.34 -1.43 -17.31
C LYS A 545 10.62 -0.14 -17.70
N VAL A 546 9.35 -0.25 -18.13
CA VAL A 546 8.56 0.93 -18.50
C VAL A 546 8.31 1.83 -17.29
N MET A 547 7.92 1.20 -16.18
CA MET A 547 7.70 1.95 -14.98
CA MET A 547 7.70 1.94 -14.91
C MET A 547 9.02 2.55 -14.45
N LEU A 548 10.12 1.79 -14.58
CA LEU A 548 11.42 2.35 -14.14
C LEU A 548 11.77 3.60 -14.96
N GLU A 549 11.54 3.53 -16.28
CA GLU A 549 11.78 4.70 -17.13
C GLU A 549 10.87 5.88 -16.73
N GLU A 550 9.58 5.64 -16.44
CA GLU A 550 8.72 6.80 -16.06
C GLU A 550 9.16 7.41 -14.74
N GLN A 551 9.76 6.60 -13.86
CA GLN A 551 10.20 7.04 -12.53
C GLN A 551 11.63 7.63 -12.54
N TYR A 552 12.31 7.50 -13.68
CA TYR A 552 13.68 7.92 -13.76
C TYR A 552 13.88 9.41 -13.56
N GLY A 553 13.00 10.22 -14.18
CA GLY A 553 13.21 11.67 -14.12
C GLY A 553 13.13 12.20 -12.70
N GLY A 554 12.23 11.64 -11.89
CA GLY A 554 12.15 12.04 -10.49
C GLY A 554 13.44 11.76 -9.74
N ALA A 555 13.95 10.52 -9.93
CA ALA A 555 15.19 10.10 -9.26
C ALA A 555 16.39 10.97 -9.68
N LYS A 556 16.53 11.17 -10.98
CA LYS A 556 17.65 11.94 -11.49
C LYS A 556 17.57 13.41 -11.06
N ASP A 557 16.38 14.01 -11.12
CA ASP A 557 16.26 15.43 -10.76
C ASP A 557 16.51 15.62 -9.27
N TRP A 558 16.14 14.64 -8.43
CA TRP A 558 16.41 14.72 -7.02
C TRP A 558 17.92 14.82 -6.75
N VAL A 559 18.68 13.88 -7.34
CA VAL A 559 20.11 13.88 -7.11
C VAL A 559 20.73 15.15 -7.72
N ASP A 560 20.31 15.50 -8.94
CA ASP A 560 20.96 16.57 -9.66
C ASP A 560 20.66 17.95 -9.05
N LYS A 561 19.41 18.18 -8.62
CA LYS A 561 18.92 19.53 -8.35
C LYS A 561 18.18 19.67 -7.02
N GLY A 562 17.71 18.55 -6.45
CA GLY A 562 16.95 18.57 -5.20
C GLY A 562 17.82 18.62 -3.95
N ILE A 563 18.78 17.70 -3.86
CA ILE A 563 19.68 17.68 -2.72
C ILE A 563 20.47 19.00 -2.66
N VAL A 564 20.61 19.55 -1.45
CA VAL A 564 21.32 20.79 -1.19
C VAL A 564 22.72 20.41 -0.67
N ARG A 565 23.76 20.87 -1.36
CA ARG A 565 25.09 20.34 -1.14
C ARG A 565 26.05 21.42 -0.58
N ASN A 566 27.06 20.92 0.15
CA ASN A 566 28.21 21.71 0.56
C ASN A 566 29.22 21.79 -0.60
N ASP A 567 30.36 22.44 -0.33
CA ASP A 567 31.34 22.72 -1.37
C ASP A 567 31.96 21.46 -1.96
N VAL A 568 31.98 20.34 -1.25
CA VAL A 568 32.60 19.09 -1.79
C VAL A 568 31.52 18.10 -2.25
N GLY A 569 30.25 18.50 -2.23
CA GLY A 569 29.20 17.68 -2.82
C GLY A 569 28.39 16.83 -1.85
N LEU A 570 28.74 16.85 -0.55
CA LEU A 570 27.94 16.18 0.46
C LEU A 570 26.79 17.12 0.84
N TRP A 571 25.99 16.72 1.83
CA TRP A 571 24.90 17.56 2.25
C TRP A 571 25.40 18.85 2.89
N ASP A 572 24.66 19.92 2.61
CA ASP A 572 24.83 21.19 3.30
C ASP A 572 24.50 20.98 4.79
N ARG A 573 25.45 21.35 5.65
CA ARG A 573 25.36 21.03 7.08
C ARG A 573 24.48 22.05 7.84
N SER A 574 23.77 22.94 7.14
CA SER A 574 22.82 23.83 7.79
C SER A 574 21.38 23.37 7.54
N THR A 575 21.18 22.23 6.89
CA THR A 575 19.85 21.78 6.54
C THR A 575 19.17 21.01 7.68
N PHE A 576 17.86 21.26 7.84
CA PHE A 576 17.01 20.39 8.62
C PHE A 576 17.13 18.96 8.10
N GLN A 577 17.15 18.01 9.03
CA GLN A 577 17.13 16.61 8.67
C GLN A 577 16.31 15.79 9.70
N TRP A 578 15.47 14.86 9.19
CA TRP A 578 14.83 13.83 10.00
C TRP A 578 15.84 12.78 10.46
N ALA A 579 16.66 12.32 9.50
CA ALA A 579 17.76 11.34 9.71
C ALA A 579 17.25 10.16 10.54
N ASP A 580 18.00 9.72 11.58
CA ASP A 580 17.63 8.50 12.29
C ASP A 580 16.54 8.75 13.31
N TRP A 581 15.36 9.10 12.79
CA TRP A 581 14.16 9.42 13.53
C TRP A 581 13.77 8.28 14.47
N LEU A 582 13.43 8.60 15.73
CA LEU A 582 12.87 7.64 16.68
C LEU A 582 13.89 6.58 17.08
N ASP A 583 15.18 6.96 17.05
CA ASP A 583 16.23 6.25 17.80
C ASP A 583 15.64 6.02 19.19
N PRO A 584 15.69 4.81 19.78
CA PRO A 584 15.08 4.58 21.08
C PRO A 584 15.65 5.43 22.23
N LYS A 585 16.84 6.00 22.06
CA LYS A 585 17.46 6.87 23.04
C LYS A 585 17.04 8.35 22.86
N ALA A 586 16.36 8.69 21.77
CA ALA A 586 15.89 10.08 21.60
C ALA A 586 14.84 10.38 22.68
N PRO A 587 14.80 11.63 23.21
CA PRO A 587 13.75 12.01 24.17
C PRO A 587 12.37 11.89 23.51
N ALA A 588 11.34 11.51 24.29
CA ALA A 588 9.97 11.35 23.72
C ALA A 588 9.48 12.62 22.99
N ASP A 589 9.85 13.82 23.49
CA ASP A 589 9.38 15.06 22.90
C ASP A 589 10.20 15.50 21.68
N ASP A 590 11.34 14.86 21.40
CA ASP A 590 12.25 15.33 20.33
C ASP A 590 12.77 14.09 19.59
N PRO A 591 11.91 13.43 18.81
CA PRO A 591 12.29 12.18 18.15
C PRO A 591 13.48 12.28 17.18
N GLY A 592 13.84 13.49 16.75
CA GLY A 592 15.00 13.66 15.87
C GLY A 592 16.33 13.79 16.61
N ASP A 593 16.32 13.81 17.93
CA ASP A 593 17.56 14.02 18.73
C ASP A 593 18.24 12.67 18.93
N ALA A 594 18.86 12.18 17.85
CA ALA A 594 19.41 10.83 17.78
C ALA A 594 20.84 10.80 18.29
N THR A 595 21.29 9.57 18.50
CA THR A 595 22.68 9.32 18.93
C THR A 595 23.67 9.30 17.75
N THR A 596 23.15 9.33 16.54
CA THR A 596 23.98 9.38 15.32
C THR A 596 23.81 10.74 14.65
N ASN A 597 24.91 11.37 14.27
CA ASN A 597 24.92 12.68 13.62
C ASN A 597 24.01 12.66 12.38
N LYS A 598 23.16 13.69 12.25
CA LYS A 598 22.18 13.76 11.18
C LYS A 598 22.82 13.84 9.80
N TYR A 599 24.01 14.44 9.71
CA TYR A 599 24.71 14.62 8.44
C TYR A 599 25.51 13.37 8.07
N LEU A 600 26.01 12.62 9.07
CA LEU A 600 26.62 11.31 8.77
C LEU A 600 25.54 10.43 8.11
N VAL A 601 24.35 10.43 8.74
CA VAL A 601 23.22 9.66 8.21
C VAL A 601 22.85 10.14 6.80
N SER A 602 22.70 11.46 6.66
CA SER A 602 22.27 12.04 5.39
C SER A 602 23.26 11.75 4.25
N ASP A 603 24.54 11.93 4.57
CA ASP A 603 25.57 11.69 3.56
C ASP A 603 25.62 10.23 3.16
N ALA A 604 25.40 9.33 4.12
CA ALA A 604 25.35 7.89 3.78
C ALA A 604 24.23 7.63 2.77
N TYR A 605 23.04 8.22 3.04
CA TYR A 605 21.92 8.04 2.14
C TYR A 605 22.10 8.77 0.78
N LEU A 606 22.87 9.87 0.76
CA LEU A 606 23.23 10.52 -0.51
CA LEU A 606 23.25 10.54 -0.49
C LEU A 606 24.07 9.56 -1.35
N LEU A 607 25.07 8.93 -0.75
CA LEU A 607 25.87 7.95 -1.47
C LEU A 607 24.98 6.80 -1.97
N HIS A 608 24.08 6.32 -1.10
CA HIS A 608 23.18 5.21 -1.47
C HIS A 608 22.30 5.63 -2.68
N SER A 609 21.71 6.84 -2.64
CA SER A 609 20.92 7.28 -3.78
C SER A 609 21.75 7.39 -5.07
N THR A 610 23.00 7.86 -4.93
CA THR A 610 23.86 8.01 -6.09
C THR A 610 24.15 6.63 -6.70
N ASP A 611 24.37 5.64 -5.82
CA ASP A 611 24.63 4.27 -6.23
C ASP A 611 23.39 3.68 -6.94
N MET A 612 22.22 3.87 -6.32
CA MET A 612 20.98 3.38 -6.90
C MET A 612 20.75 4.05 -8.27
N LEU A 613 21.02 5.34 -8.36
CA LEU A 613 20.78 6.06 -9.62
C LEU A 613 21.76 5.57 -10.72
N ALA A 614 23.03 5.31 -10.37
CA ALA A 614 23.98 4.69 -11.31
C ALA A 614 23.40 3.37 -11.83
N ASN A 615 22.90 2.54 -10.91
CA ASN A 615 22.43 1.20 -11.24
C ASN A 615 21.17 1.27 -12.10
N ILE A 616 20.26 2.19 -11.73
CA ILE A 616 19.04 2.37 -12.55
C ILE A 616 19.42 2.84 -13.94
N SER A 617 20.40 3.77 -14.00
CA SER A 617 20.87 4.27 -15.30
C SER A 617 21.38 3.09 -16.15
N THR A 618 22.16 2.19 -15.55
CA THR A 618 22.66 1.02 -16.27
C THR A 618 21.51 0.14 -16.77
N SER A 619 20.52 -0.09 -15.90
CA SER A 619 19.36 -0.93 -16.26
C SER A 619 18.65 -0.35 -17.49
N LEU A 620 18.61 0.99 -17.55
CA LEU A 620 17.90 1.70 -18.63
C LEU A 620 18.78 2.06 -19.82
N SER A 621 20.02 1.55 -19.85
CA SER A 621 20.94 1.81 -21.00
CA SER A 621 20.90 1.78 -20.99
C SER A 621 21.17 3.29 -21.19
N LYS A 622 21.32 4.02 -20.08
CA LYS A 622 21.70 5.41 -20.09
C LYS A 622 23.17 5.49 -19.66
N GLY A 623 24.08 5.32 -20.64
CA GLY A 623 25.49 5.13 -20.37
C GLY A 623 26.17 6.36 -19.79
N GLU A 624 25.88 7.53 -20.38
CA GLU A 624 26.50 8.74 -19.90
C GLU A 624 26.17 8.95 -18.41
N GLU A 625 24.91 8.79 -18.11
CA GLU A 625 24.42 8.93 -16.73
C GLU A 625 25.03 7.88 -15.81
N ALA A 626 25.08 6.62 -16.27
CA ALA A 626 25.59 5.56 -15.42
C ALA A 626 27.04 5.85 -15.04
N SER A 627 27.87 6.21 -16.04
CA SER A 627 29.27 6.52 -15.74
CA SER A 627 29.26 6.55 -15.79
C SER A 627 29.39 7.75 -14.84
N ASN A 628 28.56 8.78 -15.09
CA ASN A 628 28.59 10.00 -14.33
C ASN A 628 28.32 9.66 -12.86
N TYR A 629 27.25 8.90 -12.58
CA TYR A 629 26.91 8.64 -11.18
C TYR A 629 27.88 7.69 -10.51
N THR A 630 28.49 6.77 -11.30
CA THR A 630 29.55 5.92 -10.79
C THR A 630 30.74 6.79 -10.33
N GLU A 631 31.09 7.78 -11.15
CA GLU A 631 32.20 8.74 -10.89
CA GLU A 631 32.25 8.63 -10.80
C GLU A 631 31.91 9.55 -9.62
N TRP A 632 30.70 10.13 -9.57
CA TRP A 632 30.27 10.94 -8.40
C TRP A 632 30.27 10.06 -7.15
N HIS A 633 29.80 8.81 -7.27
CA HIS A 633 29.79 7.92 -6.11
C HIS A 633 31.22 7.71 -5.57
N ALA A 634 32.18 7.50 -6.48
CA ALA A 634 33.53 7.26 -6.03
C ALA A 634 34.11 8.51 -5.36
N LYS A 635 33.88 9.69 -5.96
CA LYS A 635 34.43 10.93 -5.40
C LYS A 635 33.79 11.23 -4.04
N LEU A 636 32.48 11.03 -3.94
CA LEU A 636 31.79 11.32 -2.70
C LEU A 636 32.03 10.27 -1.62
N THR A 637 32.40 9.04 -2.01
CA THR A 637 32.78 8.05 -1.04
C THR A 637 34.05 8.54 -0.30
N LYS A 638 35.01 9.09 -1.05
CA LYS A 638 36.22 9.69 -0.46
CA LYS A 638 36.21 9.69 -0.46
C LYS A 638 35.84 10.84 0.50
N GLU A 639 34.89 11.69 0.07
CA GLU A 639 34.45 12.81 0.93
C GLU A 639 33.73 12.29 2.19
N PHE A 640 32.91 11.24 2.06
CA PHE A 640 32.26 10.58 3.19
C PHE A 640 33.28 10.13 4.22
N GLN A 641 34.33 9.44 3.72
CA GLN A 641 35.41 8.93 4.57
C GLN A 641 36.11 10.08 5.30
N LYS A 642 36.47 11.14 4.55
CA LYS A 642 37.13 12.29 5.15
C LYS A 642 36.29 12.89 6.28
N ALA A 643 34.97 12.96 6.05
CA ALA A 643 34.10 13.63 7.01
C ALA A 643 33.80 12.78 8.26
N TRP A 644 33.63 11.46 8.10
CA TRP A 644 32.96 10.63 9.09
C TRP A 644 33.72 9.40 9.57
N ILE A 645 34.84 9.05 8.92
CA ILE A 645 35.59 7.84 9.27
C ILE A 645 37.02 8.24 9.60
N THR A 646 37.50 7.88 10.79
CA THR A 646 38.88 8.19 11.17
C THR A 646 39.83 7.35 10.31
N SER A 647 41.11 7.72 10.32
CA SER A 647 42.11 7.04 9.52
CA SER A 647 42.13 7.04 9.54
C SER A 647 42.13 5.53 9.82
N ASN A 648 41.95 5.15 11.08
CA ASN A 648 41.98 3.74 11.46
C ASN A 648 40.65 3.01 11.28
N GLY A 649 39.62 3.68 10.75
CA GLY A 649 38.38 3.00 10.40
C GLY A 649 37.25 3.13 11.41
N THR A 650 37.38 4.04 12.40
CA THR A 650 36.37 4.28 13.41
C THR A 650 35.35 5.32 12.93
N MET A 651 34.06 5.04 13.15
CA MET A 651 33.03 5.99 12.77
C MET A 651 32.98 7.15 13.78
N ALA A 652 32.60 8.34 13.30
CA ALA A 652 32.43 9.50 14.17
C ALA A 652 31.47 9.17 15.33
N ASN A 653 30.42 8.41 15.03
CA ASN A 653 29.50 7.87 16.05
C ASN A 653 29.46 6.34 15.92
N GLU A 654 29.97 5.65 16.94
CA GLU A 654 29.98 4.19 16.96
C GLU A 654 28.67 3.68 17.61
N THR A 655 27.61 3.77 16.80
CA THR A 655 26.26 3.43 17.14
C THR A 655 25.75 2.39 16.14
N GLN A 656 24.64 1.76 16.45
CA GLN A 656 24.09 0.77 15.56
C GLN A 656 23.89 1.38 14.17
N THR A 657 23.23 2.55 14.10
CA THR A 657 23.01 3.16 12.78
C THR A 657 24.32 3.69 12.16
N GLY A 658 25.17 4.30 12.98
CA GLY A 658 26.41 4.88 12.51
C GLY A 658 27.37 3.87 11.87
N LEU A 659 27.32 2.62 12.36
CA LEU A 659 28.08 1.54 11.75
C LEU A 659 27.27 0.87 10.63
N ALA A 660 25.97 0.61 10.84
CA ALA A 660 25.22 -0.20 9.87
C ALA A 660 25.19 0.49 8.50
N LEU A 661 25.00 1.81 8.46
CA LEU A 661 24.89 2.48 7.16
C LEU A 661 26.15 2.35 6.30
N PRO A 662 27.35 2.74 6.78
CA PRO A 662 28.52 2.55 5.93
C PRO A 662 28.85 1.08 5.63
N LEU A 663 28.45 0.15 6.49
CA LEU A 663 28.59 -1.26 6.19
C LEU A 663 27.68 -1.68 5.04
N TYR A 664 26.40 -1.31 5.10
CA TYR A 664 25.47 -1.77 4.06
C TYR A 664 25.76 -1.06 2.73
N PHE A 665 26.16 0.23 2.81
CA PHE A 665 26.39 1.05 1.64
C PHE A 665 27.83 0.94 1.10
N ASP A 666 28.67 0.13 1.76
CA ASP A 666 30.05 -0.21 1.31
C ASP A 666 30.91 1.05 1.20
N LEU A 667 30.97 1.81 2.30
CA LEU A 667 31.63 3.12 2.31
C LEU A 667 33.00 3.12 3.01
N PHE A 668 33.46 1.96 3.52
CA PHE A 668 34.79 1.88 4.15
C PHE A 668 35.84 1.81 3.05
N PRO A 669 37.05 2.31 3.29
CA PRO A 669 38.09 2.28 2.26
C PRO A 669 38.71 0.91 1.95
N SER A 670 38.42 -0.10 2.77
CA SER A 670 38.94 -1.42 2.52
C SER A 670 38.01 -2.48 3.12
N ALA A 671 38.08 -3.68 2.53
CA ALA A 671 37.29 -4.80 3.00
C ALA A 671 37.66 -5.08 4.46
N GLU A 672 38.95 -4.91 4.79
CA GLU A 672 39.44 -5.14 6.17
CA GLU A 672 39.42 -5.14 6.19
C GLU A 672 38.83 -4.18 7.28
N GLN A 673 38.76 -2.92 6.85
CA GLN A 673 38.18 -1.88 7.74
C GLN A 673 36.67 -2.15 7.89
N ALA A 674 36.02 -2.61 6.80
CA ALA A 674 34.60 -2.94 6.89
C ALA A 674 34.42 -4.16 7.79
N GLN A 675 35.26 -5.20 7.64
CA GLN A 675 35.11 -6.39 8.48
C GLN A 675 35.33 -6.02 9.96
N SER A 676 36.31 -5.17 10.25
CA SER A 676 36.57 -4.73 11.63
C SER A 676 35.34 -4.00 12.17
N ALA A 677 34.75 -3.11 11.34
CA ALA A 677 33.55 -2.35 11.75
C ALA A 677 32.37 -3.31 12.04
N ALA A 678 32.20 -4.34 11.22
CA ALA A 678 31.13 -5.36 11.45
C ALA A 678 31.29 -6.02 12.82
N LYS A 679 32.53 -6.40 13.16
CA LYS A 679 32.75 -7.00 14.49
C LYS A 679 32.46 -5.99 15.63
N ARG A 680 32.79 -4.71 15.42
CA ARG A 680 32.47 -3.70 16.43
C ARG A 680 30.97 -3.51 16.56
N LEU A 681 30.25 -3.59 15.43
CA LEU A 681 28.78 -3.49 15.47
C LEU A 681 28.20 -4.61 16.35
N VAL A 682 28.67 -5.84 16.12
CA VAL A 682 28.18 -7.00 16.89
C VAL A 682 28.49 -6.80 18.39
N ASN A 683 29.67 -6.26 18.70
CA ASN A 683 30.08 -6.01 20.08
C ASN A 683 29.15 -4.99 20.74
N ILE A 684 28.86 -3.88 20.04
CA ILE A 684 27.95 -2.83 20.57
C ILE A 684 26.55 -3.43 20.84
N ILE A 685 26.07 -4.27 19.92
CA ILE A 685 24.77 -4.93 20.07
C ILE A 685 24.79 -5.84 21.31
N LYS A 686 25.85 -6.63 21.44
CA LYS A 686 25.98 -7.58 22.57
C LYS A 686 26.03 -6.83 23.90
N GLN A 687 26.75 -5.71 23.95
CA GLN A 687 26.90 -4.92 25.17
C GLN A 687 25.57 -4.22 25.50
N ASN A 688 24.70 -4.08 24.50
CA ASN A 688 23.35 -3.53 24.71
C ASN A 688 22.33 -4.63 25.00
N ASP A 689 22.75 -5.84 25.36
CA ASP A 689 21.86 -6.99 25.64
C ASP A 689 20.95 -7.26 24.44
N TYR A 690 21.49 -7.04 23.23
CA TYR A 690 20.83 -7.34 21.95
C TYR A 690 19.56 -6.51 21.72
N LYS A 691 19.38 -5.44 22.47
CA LYS A 691 18.26 -4.52 22.26
C LYS A 691 18.55 -3.65 21.04
N VAL A 692 17.50 -3.37 20.29
CA VAL A 692 17.61 -2.58 19.06
CA VAL A 692 17.64 -2.61 19.05
C VAL A 692 18.02 -1.16 19.43
N GLY A 693 18.89 -0.57 18.60
CA GLY A 693 19.42 0.74 18.84
C GLY A 693 19.25 1.70 17.67
N THR A 694 18.48 1.29 16.67
CA THR A 694 18.27 2.05 15.42
C THR A 694 16.91 2.76 15.44
N GLY A 695 16.87 3.92 14.75
CA GLY A 695 15.62 4.56 14.35
C GLY A 695 15.25 4.23 12.91
N PHE A 696 14.56 5.17 12.24
CA PHE A 696 14.02 4.89 10.92
C PHE A 696 15.15 4.72 9.89
N ALA A 697 16.29 5.36 10.15
CA ALA A 697 17.38 5.30 9.16
C ALA A 697 18.07 3.94 9.15
N GLY A 698 18.17 3.31 10.34
CA GLY A 698 18.94 2.10 10.51
C GLY A 698 18.11 0.82 10.54
N THR A 699 16.87 0.88 11.00
CA THR A 699 16.13 -0.34 11.37
C THR A 699 15.89 -1.26 10.16
N HIS A 700 15.48 -0.70 9.02
CA HIS A 700 15.13 -1.53 7.88
C HIS A 700 16.33 -2.27 7.29
N LEU A 701 17.53 -1.79 7.60
CA LEU A 701 18.75 -2.38 7.03
C LEU A 701 19.56 -3.19 8.04
N LEU A 702 19.23 -3.13 9.31
CA LEU A 702 20.11 -3.67 10.35
C LEU A 702 20.32 -5.18 10.18
N GLY A 703 19.26 -5.97 10.04
CA GLY A 703 19.39 -7.40 9.88
C GLY A 703 20.15 -7.77 8.62
N HIS A 704 19.86 -7.07 7.53
CA HIS A 704 20.51 -7.35 6.25
C HIS A 704 21.99 -7.02 6.33
N THR A 705 22.36 -6.01 7.11
CA THR A 705 23.73 -5.60 7.27
C THR A 705 24.48 -6.70 8.01
N LEU A 706 23.90 -7.19 9.12
CA LEU A 706 24.55 -8.20 9.92
C LEU A 706 24.70 -9.48 9.10
N SER A 707 23.67 -9.88 8.37
CA SER A 707 23.75 -11.09 7.54
C SER A 707 24.79 -10.93 6.42
N LYS A 708 24.93 -9.74 5.84
CA LYS A 708 25.90 -9.46 4.77
C LYS A 708 27.32 -9.81 5.25
N TYR A 709 27.57 -9.66 6.56
CA TYR A 709 28.90 -9.89 7.17
CA TYR A 709 28.93 -9.89 7.16
C TYR A 709 28.96 -11.19 7.97
N GLY A 710 27.99 -12.09 7.73
CA GLY A 710 28.02 -13.43 8.33
C GLY A 710 27.62 -13.45 9.79
N GLU A 711 26.89 -12.41 10.21
CA GLU A 711 26.54 -12.27 11.62
C GLU A 711 25.02 -12.45 11.83
N SER A 712 24.41 -13.39 11.09
CA SER A 712 23.00 -13.68 11.28
C SER A 712 22.68 -14.11 12.72
N ASP A 713 23.56 -14.84 13.41
CA ASP A 713 23.29 -15.29 14.79
C ASP A 713 23.08 -14.09 15.72
N ALA A 714 23.86 -13.02 15.54
CA ALA A 714 23.67 -11.82 16.33
C ALA A 714 22.28 -11.21 16.09
N PHE A 715 21.83 -11.22 14.84
CA PHE A 715 20.51 -10.62 14.56
C PHE A 715 19.42 -11.50 15.13
N TYR A 716 19.58 -12.84 15.01
CA TYR A 716 18.60 -13.74 15.62
C TYR A 716 18.46 -13.41 17.11
N SER A 717 19.60 -13.12 17.77
CA SER A 717 19.54 -12.82 19.22
C SER A 717 18.77 -11.51 19.45
N MET A 718 18.97 -10.51 18.57
CA MET A 718 18.16 -9.29 18.65
C MET A 718 16.67 -9.61 18.42
N LEU A 719 16.38 -10.41 17.41
CA LEU A 719 14.99 -10.71 17.03
C LEU A 719 14.25 -11.45 18.14
N ARG A 720 14.97 -12.23 18.95
CA ARG A 720 14.35 -13.01 20.03
C ARG A 720 14.19 -12.20 21.32
N GLN A 721 14.76 -10.99 21.40
CA GLN A 721 14.64 -10.19 22.64
C GLN A 721 13.17 -9.81 22.86
N THR A 722 12.72 -9.88 24.12
CA THR A 722 11.35 -9.53 24.44
C THR A 722 11.25 -8.31 25.35
N GLU A 723 12.39 -7.78 25.83
CA GLU A 723 12.39 -6.56 26.63
C GLU A 723 12.52 -5.33 25.72
N VAL A 724 11.99 -4.20 26.20
CA VAL A 724 12.04 -2.97 25.43
C VAL A 724 13.47 -2.43 25.40
N PRO A 725 13.96 -1.84 24.30
CA PRO A 725 13.32 -1.84 22.97
C PRO A 725 13.67 -3.07 22.12
N SER A 726 12.67 -3.63 21.44
CA SER A 726 12.81 -4.79 20.58
C SER A 726 11.49 -4.99 19.82
N TRP A 727 11.48 -5.85 18.83
CA TRP A 727 10.23 -6.19 18.13
C TRP A 727 9.27 -7.01 18.99
N LEU A 728 9.77 -8.06 19.65
CA LEU A 728 8.88 -8.97 20.35
C LEU A 728 8.37 -8.38 21.65
N TYR A 729 9.02 -7.31 22.16
CA TYR A 729 8.40 -6.59 23.28
C TYR A 729 6.99 -6.19 22.90
N GLN A 730 6.84 -5.66 21.69
CA GLN A 730 5.51 -5.17 21.29
C GLN A 730 4.52 -6.34 21.21
N VAL A 731 5.00 -7.53 20.85
CA VAL A 731 4.18 -8.74 20.75
C VAL A 731 3.73 -9.20 22.16
N VAL A 732 4.68 -9.27 23.10
CA VAL A 732 4.37 -9.79 24.42
C VAL A 732 3.54 -8.76 25.22
N MET A 733 3.48 -7.49 24.77
CA MET A 733 2.59 -6.48 25.36
C MET A 733 1.22 -6.50 24.69
N ASN A 734 0.92 -7.57 23.96
CA ASN A 734 -0.38 -7.84 23.31
C ASN A 734 -0.57 -6.93 22.10
N GLY A 735 0.52 -6.41 21.56
CA GLY A 735 0.46 -5.76 20.27
C GLY A 735 0.02 -6.69 19.17
N THR A 736 -0.80 -6.17 18.25
CA THR A 736 -1.31 -6.92 17.10
C THR A 736 -0.96 -6.21 15.77
N THR A 737 -0.12 -5.18 15.89
CA THR A 737 0.39 -4.34 14.83
C THR A 737 1.78 -3.91 15.28
N THR A 738 2.58 -3.39 14.36
CA THR A 738 3.84 -2.77 14.76
C THR A 738 3.55 -1.32 15.17
N TRP A 739 4.34 -0.83 16.13
CA TRP A 739 4.09 0.50 16.73
C TRP A 739 5.09 1.52 16.17
N GLU A 740 4.71 2.79 16.18
CA GLU A 740 5.55 3.89 15.73
C GLU A 740 6.87 3.95 16.50
N ARG A 741 6.77 3.95 17.82
CA ARG A 741 7.90 3.97 18.69
C ARG A 741 8.18 2.55 19.19
N TRP A 742 9.45 2.25 19.44
CA TRP A 742 9.77 0.97 20.08
C TRP A 742 8.93 0.83 21.36
N ASP A 743 8.77 1.96 22.06
CA ASP A 743 8.08 2.00 23.36
C ASP A 743 6.78 2.82 23.26
N SER A 744 5.94 2.60 22.24
CA SER A 744 4.68 3.36 22.19
C SER A 744 3.89 3.09 23.48
N MET A 745 3.96 1.86 23.99
CA MET A 745 3.48 1.54 25.35
C MET A 745 4.69 1.18 26.23
N LEU A 746 4.70 1.67 27.47
CA LEU A 746 5.75 1.38 28.42
C LEU A 746 5.41 0.06 29.13
N PRO A 747 6.40 -0.64 29.74
CA PRO A 747 6.12 -1.97 30.29
C PRO A 747 5.00 -2.13 31.32
N ASN A 748 4.62 -1.06 32.02
CA ASN A 748 3.50 -1.17 33.02
C ASN A 748 2.15 -0.89 32.35
N GLY A 749 2.15 -0.56 31.05
CA GLY A 749 0.89 -0.40 30.33
C GLY A 749 0.59 1.04 30.00
N SER A 750 1.33 1.99 30.58
CA SER A 750 1.14 3.42 30.27
C SER A 750 1.59 3.73 28.85
N ILE A 751 0.89 4.67 28.19
CA ILE A 751 1.26 5.13 26.86
C ILE A 751 2.46 6.06 26.98
N ASN A 752 3.37 5.98 26.00
CA ASN A 752 4.49 6.88 25.91
C ASN A 752 3.99 8.32 26.08
N PRO A 753 4.68 9.18 26.88
CA PRO A 753 4.20 10.53 27.09
C PRO A 753 4.30 11.44 25.87
N GLY A 754 5.04 11.01 24.86
CA GLY A 754 5.16 11.81 23.67
C GLY A 754 3.81 12.06 23.03
N GLN A 755 3.62 13.29 22.56
CA GLN A 755 2.38 13.70 21.95
C GLN A 755 2.18 12.92 20.64
N MET A 756 3.29 12.55 20.00
CA MET A 756 3.30 11.75 18.76
C MET A 756 3.53 10.29 19.17
N THR A 757 2.45 9.52 19.30
CA THR A 757 2.52 8.10 19.64
C THR A 757 1.40 7.33 18.94
N SER A 758 1.75 6.39 18.08
CA SER A 758 0.83 5.57 17.35
C SER A 758 1.15 4.09 17.60
N PHE A 759 0.11 3.24 17.58
CA PHE A 759 0.25 1.80 17.70
C PHE A 759 0.06 1.10 16.34
N ASN A 760 0.23 1.82 15.23
CA ASN A 760 0.02 1.19 13.92
C ASN A 760 0.78 1.94 12.82
N HIS A 761 2.09 1.75 12.83
CA HIS A 761 3.05 2.29 11.82
C HIS A 761 3.85 1.11 11.28
N TYR A 762 3.98 0.97 9.95
CA TYR A 762 4.78 -0.14 9.40
C TYR A 762 6.29 0.02 9.47
N ALA A 763 6.86 1.18 9.82
CA ALA A 763 8.31 1.34 9.74
C ALA A 763 9.06 0.25 10.48
N VAL A 764 8.74 -0.02 11.76
CA VAL A 764 9.44 -1.06 12.59
C VAL A 764 9.23 -2.43 11.95
N GLY A 765 8.12 -2.56 11.18
CA GLY A 765 7.79 -3.79 10.50
C GLY A 765 8.70 -4.05 9.30
N SER A 766 9.62 -3.13 8.99
CA SER A 766 10.65 -3.34 7.95
CA SER A 766 10.63 -3.34 7.93
C SER A 766 11.57 -4.54 8.22
N VAL A 767 11.56 -5.04 9.46
CA VAL A 767 12.23 -6.30 9.78
C VAL A 767 11.61 -7.47 9.01
N GLY A 768 10.39 -7.33 8.47
CA GLY A 768 9.72 -8.40 7.76
C GLY A 768 10.57 -8.95 6.62
N SER A 769 11.27 -8.06 5.90
CA SER A 769 12.11 -8.51 4.79
C SER A 769 13.21 -9.47 5.23
N TRP A 770 13.69 -9.32 6.47
CA TRP A 770 14.70 -10.25 6.98
C TRP A 770 14.04 -11.61 7.23
N LEU A 771 12.82 -11.62 7.77
CA LEU A 771 12.08 -12.87 7.93
C LEU A 771 11.93 -13.57 6.58
N HIS A 772 11.59 -12.80 5.55
CA HIS A 772 11.32 -13.37 4.24
C HIS A 772 12.62 -13.90 3.62
N GLU A 773 13.65 -13.05 3.63
CA GLU A 773 14.85 -13.29 2.79
C GLU A 773 15.91 -14.16 3.48
N VAL A 774 15.97 -14.14 4.80
CA VAL A 774 17.04 -14.82 5.52
C VAL A 774 16.49 -16.04 6.25
N ILE A 775 15.45 -15.88 7.08
CA ILE A 775 14.80 -17.06 7.70
C ILE A 775 14.17 -17.92 6.60
N GLY A 776 13.43 -17.25 5.70
CA GLY A 776 12.75 -17.94 4.58
C GLY A 776 13.66 -18.16 3.39
N GLY A 777 14.77 -17.42 3.33
CA GLY A 777 15.75 -17.60 2.30
C GLY A 777 15.47 -16.94 0.96
N LEU A 778 14.30 -16.33 0.75
CA LEU A 778 13.88 -15.97 -0.61
C LEU A 778 14.20 -14.51 -0.94
N SER A 779 14.87 -14.29 -2.06
CA SER A 779 15.10 -12.93 -2.59
C SER A 779 15.22 -13.02 -4.09
N PRO A 780 14.97 -11.91 -4.81
CA PRO A 780 15.14 -11.90 -6.26
C PRO A 780 16.61 -11.80 -6.66
N ALA A 781 17.02 -12.69 -7.55
CA ALA A 781 18.38 -12.66 -8.09
C ALA A 781 18.44 -11.83 -9.38
N GLU A 782 17.28 -11.57 -9.98
CA GLU A 782 17.11 -10.70 -11.13
C GLU A 782 15.87 -9.88 -10.80
N PRO A 783 15.84 -8.58 -11.15
CA PRO A 783 14.64 -7.78 -10.89
C PRO A 783 13.40 -8.47 -11.47
N GLY A 784 12.36 -8.63 -10.62
CA GLY A 784 11.15 -9.27 -11.07
C GLY A 784 11.04 -10.77 -10.80
N TRP A 785 12.07 -11.39 -10.19
CA TRP A 785 12.02 -12.76 -9.67
C TRP A 785 12.08 -13.84 -10.75
N ARG A 786 12.53 -13.54 -11.97
CA ARG A 786 12.69 -14.62 -12.95
C ARG A 786 13.89 -15.50 -12.58
N ARG A 787 14.81 -14.93 -11.78
CA ARG A 787 15.87 -15.69 -11.16
C ARG A 787 15.76 -15.44 -9.65
N ILE A 788 15.81 -16.50 -8.87
CA ILE A 788 15.53 -16.49 -7.46
C ILE A 788 16.75 -16.96 -6.68
N ASN A 789 17.09 -16.30 -5.56
CA ASN A 789 18.11 -16.84 -4.63
CA ASN A 789 18.08 -16.79 -4.60
C ASN A 789 17.34 -17.50 -3.48
N ILE A 790 17.77 -18.70 -3.11
CA ILE A 790 17.17 -19.47 -2.04
C ILE A 790 18.28 -19.81 -1.05
N GLU A 791 18.42 -18.97 -0.02
CA GLU A 791 19.58 -18.99 0.88
C GLU A 791 19.04 -18.87 2.30
N VAL A 792 18.48 -19.98 2.81
CA VAL A 792 18.01 -20.07 4.15
C VAL A 792 19.19 -20.07 5.13
N VAL A 793 19.14 -19.23 6.15
CA VAL A 793 20.13 -19.20 7.22
C VAL A 793 19.44 -19.54 8.53
N PRO A 794 19.44 -20.82 8.96
CA PRO A 794 18.78 -21.19 10.21
C PRO A 794 19.55 -20.61 11.40
N GLY A 795 18.82 -20.46 12.50
CA GLY A 795 19.37 -19.92 13.70
C GLY A 795 18.27 -19.63 14.68
N GLY A 796 18.64 -18.98 15.78
CA GLY A 796 17.68 -18.52 16.76
C GLY A 796 16.90 -19.64 17.41
N ASP A 797 17.47 -20.85 17.49
CA ASP A 797 16.70 -21.99 18.05
C ASP A 797 15.39 -22.28 17.29
N LEU A 798 15.24 -21.81 16.04
CA LEU A 798 14.12 -22.23 15.21
C LEU A 798 14.30 -23.69 14.81
N GLN A 799 13.19 -24.44 14.83
CA GLN A 799 13.17 -25.82 14.41
CA GLN A 799 13.19 -25.82 14.39
C GLN A 799 12.64 -25.94 12.96
N GLN A 800 11.87 -24.94 12.50
CA GLN A 800 11.29 -24.98 11.16
C GLN A 800 10.76 -23.60 10.77
N ALA A 801 10.66 -23.39 9.45
CA ALA A 801 9.97 -22.20 8.95
C ALA A 801 9.44 -22.47 7.55
N SER A 802 8.32 -21.81 7.24
CA SER A 802 7.66 -21.93 5.96
CA SER A 802 7.59 -21.92 5.99
C SER A 802 7.38 -20.53 5.41
N THR A 803 7.82 -20.29 4.18
CA THR A 803 7.71 -19.02 3.51
C THR A 803 7.21 -19.27 2.10
N LYS A 804 6.26 -18.45 1.62
CA LYS A 804 5.69 -18.58 0.31
C LYS A 804 5.67 -17.18 -0.34
N PHE A 805 5.93 -17.11 -1.64
CA PHE A 805 5.87 -15.88 -2.38
C PHE A 805 5.34 -16.14 -3.78
N LEU A 806 4.22 -15.47 -4.10
CA LEU A 806 3.63 -15.56 -5.43
C LEU A 806 4.30 -14.56 -6.35
N THR A 807 5.34 -15.05 -7.01
CA THR A 807 6.10 -14.30 -7.97
C THR A 807 5.23 -13.99 -9.19
N PRO A 808 5.69 -13.07 -10.07
CA PRO A 808 5.03 -12.89 -11.36
C PRO A 808 4.91 -14.14 -12.26
N TYR A 809 5.61 -15.22 -11.90
CA TYR A 809 5.64 -16.49 -12.64
C TYR A 809 4.79 -17.59 -11.99
N GLY A 810 4.43 -17.43 -10.71
CA GLY A 810 3.84 -18.48 -9.93
C GLY A 810 4.53 -18.63 -8.58
N MET A 811 4.07 -19.62 -7.82
CA MET A 811 4.48 -19.73 -6.43
C MET A 811 5.94 -20.19 -6.29
N ALA A 812 6.70 -19.44 -5.48
CA ALA A 812 7.97 -19.88 -4.94
C ALA A 812 7.80 -20.15 -3.45
N SER A 813 8.49 -21.13 -2.90
CA SER A 813 8.34 -21.36 -1.46
C SER A 813 9.54 -22.08 -0.91
N THR A 814 9.73 -21.94 0.41
CA THR A 814 10.65 -22.76 1.16
C THR A 814 9.90 -23.33 2.38
N LYS A 815 10.20 -24.58 2.69
CA LYS A 815 9.81 -25.20 3.93
CA LYS A 815 9.81 -25.20 3.93
C LYS A 815 11.05 -25.95 4.41
N TRP A 816 11.57 -25.55 5.57
CA TRP A 816 12.76 -26.23 6.10
C TRP A 816 12.54 -26.61 7.56
N TRP A 817 13.28 -27.61 8.00
CA TRP A 817 13.21 -28.04 9.37
C TRP A 817 14.54 -28.68 9.75
N LEU A 818 14.78 -28.71 11.06
CA LEU A 818 15.98 -29.31 11.61
C LEU A 818 15.66 -30.50 12.49
N ASP A 819 16.59 -31.45 12.55
CA ASP A 819 16.56 -32.52 13.55
C ASP A 819 17.95 -33.17 13.59
N GLY A 820 18.07 -34.33 14.21
CA GLY A 820 19.39 -35.04 14.33
C GLY A 820 20.48 -34.16 14.95
N GLY A 827 26.76 -31.82 13.98
CA GLY A 827 25.82 -30.71 14.11
C GLY A 827 24.39 -31.19 13.95
N PHE A 828 23.59 -30.45 13.17
CA PHE A 828 22.18 -30.79 12.94
C PHE A 828 22.02 -31.30 11.50
N ASP A 829 20.93 -32.02 11.27
CA ASP A 829 20.48 -32.36 9.96
C ASP A 829 19.48 -31.28 9.51
N PHE A 830 19.70 -30.76 8.29
CA PHE A 830 18.88 -29.69 7.72
C PHE A 830 18.11 -30.29 6.54
N HIS A 831 16.82 -29.99 6.48
CA HIS A 831 15.93 -30.49 5.44
C HIS A 831 15.23 -29.30 4.82
N LEU A 832 15.19 -29.25 3.49
CA LEU A 832 14.57 -28.14 2.76
C LEU A 832 13.78 -28.67 1.58
N VAL A 833 12.53 -28.19 1.45
CA VAL A 833 11.75 -28.33 0.25
C VAL A 833 11.58 -26.95 -0.37
N ALA A 834 12.06 -26.79 -1.60
CA ALA A 834 12.05 -25.53 -2.30
C ALA A 834 11.21 -25.69 -3.58
N GLU A 835 10.21 -24.83 -3.71
CA GLU A 835 9.36 -24.78 -4.89
C GLU A 835 9.78 -23.60 -5.76
N VAL A 836 10.04 -23.87 -7.03
CA VAL A 836 10.54 -22.91 -8.02
C VAL A 836 9.52 -22.89 -9.15
N PRO A 837 8.93 -21.71 -9.48
CA PRO A 837 7.86 -21.73 -10.47
C PRO A 837 8.31 -21.91 -11.90
N PRO A 838 7.37 -22.37 -12.76
CA PRO A 838 7.62 -22.49 -14.19
C PRO A 838 8.22 -21.18 -14.72
N ASN A 839 9.15 -21.32 -15.66
CA ASN A 839 9.78 -20.22 -16.41
C ASN A 839 10.81 -19.45 -15.58
N THR A 840 11.16 -19.96 -14.39
CA THR A 840 12.20 -19.34 -13.56
C THR A 840 13.31 -20.37 -13.27
N ARG A 841 14.39 -19.84 -12.70
CA ARG A 841 15.49 -20.66 -12.19
C ARG A 841 15.91 -20.08 -10.85
N ALA A 842 16.52 -20.92 -10.01
CA ALA A 842 16.97 -20.48 -8.72
C ALA A 842 18.40 -20.96 -8.45
N THR A 843 19.07 -20.27 -7.55
CA THR A 843 20.30 -20.72 -6.95
C THR A 843 20.01 -21.04 -5.49
N VAL A 844 20.14 -22.32 -5.14
CA VAL A 844 19.95 -22.78 -3.80
C VAL A 844 21.32 -22.80 -3.13
N VAL A 845 21.48 -22.06 -2.04
CA VAL A 845 22.71 -22.03 -1.25
C VAL A 845 22.42 -22.75 0.06
N LEU A 846 22.96 -23.96 0.22
CA LEU A 846 22.65 -24.73 1.41
C LEU A 846 23.49 -24.20 2.57
N PRO A 847 22.96 -24.28 3.80
CA PRO A 847 23.60 -23.67 4.95
C PRO A 847 24.90 -24.34 5.37
N GLY A 848 25.70 -23.55 6.10
CA GLY A 848 26.91 -24.02 6.73
C GLY A 848 28.16 -23.61 5.96
N LYS A 849 29.31 -23.89 6.59
CA LYS A 849 30.66 -23.66 6.03
C LYS A 849 30.82 -24.56 4.80
N GLY A 850 31.15 -23.94 3.66
CA GLY A 850 31.32 -24.64 2.38
C GLY A 850 30.02 -25.25 1.88
N GLY A 851 28.90 -24.70 2.35
CA GLY A 851 27.60 -25.07 1.85
C GLY A 851 27.57 -25.03 0.33
N GLU A 852 26.99 -26.10 -0.25
CA GLU A 852 26.84 -26.29 -1.69
C GLU A 852 25.89 -25.24 -2.25
N LYS A 853 26.25 -24.71 -3.42
CA LYS A 853 25.43 -23.86 -4.25
C LYS A 853 25.02 -24.66 -5.47
N VAL A 854 23.74 -24.62 -5.82
CA VAL A 854 23.11 -25.48 -6.80
C VAL A 854 22.19 -24.62 -7.68
N ASP A 855 22.33 -24.68 -9.00
CA ASP A 855 21.42 -24.02 -9.97
C ASP A 855 20.29 -25.02 -10.24
N VAL A 856 19.05 -24.58 -10.17
CA VAL A 856 17.92 -25.43 -10.45
C VAL A 856 16.91 -24.69 -11.32
N GLY A 857 16.10 -25.48 -12.05
CA GLY A 857 14.95 -24.98 -12.76
C GLY A 857 13.67 -25.24 -11.98
N SER A 858 12.54 -25.08 -12.66
CA SER A 858 11.24 -25.15 -11.99
C SER A 858 11.01 -26.53 -11.37
N GLY A 859 10.12 -26.57 -10.37
CA GLY A 859 9.66 -27.80 -9.77
C GLY A 859 9.81 -27.77 -8.26
N VAL A 860 9.67 -28.93 -7.64
CA VAL A 860 9.76 -29.07 -6.21
C VAL A 860 11.05 -29.84 -5.94
N HIS A 861 11.97 -29.20 -5.24
CA HIS A 861 13.28 -29.73 -4.97
C HIS A 861 13.44 -30.01 -3.47
N GLU A 862 13.95 -31.17 -3.12
CA GLU A 862 14.13 -31.58 -1.73
C GLU A 862 15.63 -31.74 -1.47
N TYR A 863 16.11 -31.15 -0.38
CA TYR A 863 17.51 -31.22 0.01
C TYR A 863 17.64 -31.73 1.45
N HIS A 864 18.52 -32.73 1.65
CA HIS A 864 18.78 -33.23 2.96
C HIS A 864 20.26 -33.08 3.23
N VAL A 865 20.62 -32.20 4.16
CA VAL A 865 22.01 -31.91 4.46
C VAL A 865 22.30 -32.44 5.84
N ARG A 866 23.16 -33.46 5.89
CA ARG A 866 23.46 -34.15 7.12
CA ARG A 866 23.45 -34.14 7.11
C ARG A 866 24.65 -33.46 7.77
N CYS A 867 24.61 -33.32 9.10
CA CYS A 867 25.77 -32.86 9.91
C CYS A 867 26.25 -31.47 9.46
N VAL A 868 25.30 -30.53 9.41
CA VAL A 868 25.60 -29.13 9.08
C VAL A 868 26.27 -28.48 10.29
N LYS A 869 27.36 -27.75 10.03
CA LYS A 869 28.16 -27.11 11.07
C LYS A 869 28.04 -25.58 10.94
C1 NAG B . 2.94 25.22 -6.91
C2 NAG B . 1.41 25.14 -6.75
C3 NAG B . 0.85 26.48 -6.34
C4 NAG B . 1.52 27.00 -5.09
C5 NAG B . 3.03 27.03 -5.32
C6 NAG B . 3.76 27.40 -4.04
C7 NAG B . -0.06 23.63 -8.00
C8 NAG B . -0.60 23.30 -9.38
N2 NAG B . 0.77 24.69 -7.95
O3 NAG B . -0.54 26.33 -6.11
O4 NAG B . 1.02 28.32 -4.89
O5 NAG B . 3.44 25.69 -5.66
O6 NAG B . 3.28 26.57 -2.93
O7 NAG B . -0.34 22.95 -7.00
C1 NAG B . 0.52 28.49 -3.56
C2 NAG B . 0.40 29.96 -3.23
C3 NAG B . -0.32 30.09 -1.87
C4 NAG B . -1.59 29.27 -1.70
C5 NAG B . -1.34 27.84 -2.14
C6 NAG B . -2.62 26.99 -2.09
C7 NAG B . 2.33 31.23 -4.09
C8 NAG B . 3.64 31.84 -3.65
N2 NAG B . 1.72 30.59 -3.12
O3 NAG B . -0.59 31.47 -1.63
O4 NAG B . -1.97 29.18 -0.30
O5 NAG B . -0.74 27.81 -3.42
O6 NAG B . -2.22 25.60 -2.00
O7 NAG B . 1.89 31.33 -5.24
C1 BMA B . -3.07 29.98 0.09
C2 BMA B . -3.72 29.21 1.21
C3 BMA B . -4.79 30.05 1.90
C4 BMA B . -4.29 31.47 2.16
C5 BMA B . -3.60 32.10 0.96
C6 BMA B . -3.02 33.49 1.32
O2 BMA B . -2.72 28.91 2.20
O3 BMA B . -5.14 29.42 3.14
O4 BMA B . -5.42 32.26 2.51
O5 BMA B . -2.55 31.23 0.54
O6 BMA B . -2.19 33.99 0.26
C1 MAN B . -6.56 29.46 3.36
C2 MAN B . -6.77 28.89 4.75
C3 MAN B . -6.44 27.40 4.78
C4 MAN B . -7.20 26.67 3.66
C5 MAN B . -6.88 27.32 2.31
C6 MAN B . -7.56 26.54 1.17
O2 MAN B . -8.13 29.10 5.16
O3 MAN B . -6.74 26.89 6.07
O4 MAN B . -6.81 25.31 3.49
O5 MAN B . -7.27 28.71 2.37
O6 MAN B . -8.94 26.73 1.44
C1 NAG C . 24.85 -1.29 -7.80
C2 NAG C . 24.56 -1.96 -6.46
C3 NAG C . 25.87 -2.40 -5.81
C4 NAG C . 26.70 -3.22 -6.78
C5 NAG C . 26.85 -2.48 -8.10
C6 NAG C . 27.59 -3.29 -9.16
C7 NAG C . 22.66 -1.36 -5.06
C8 NAG C . 22.07 -0.29 -4.19
N2 NAG C . 23.83 -1.06 -5.61
O3 NAG C . 25.57 -3.18 -4.65
O4 NAG C . 28.00 -3.37 -6.19
O5 NAG C . 25.54 -2.18 -8.61
O6 NAG C . 26.91 -4.53 -9.45
O7 NAG C . 22.09 -2.41 -5.26
C1 NAG C . 28.41 -4.72 -6.17
C2 NAG C . 29.91 -4.67 -5.83
C3 NAG C . 30.52 -6.05 -5.76
C4 NAG C . 29.64 -6.96 -4.93
C5 NAG C . 28.18 -6.90 -5.32
C6 NAG C . 27.41 -7.78 -4.35
C7 NAG C . 30.99 -2.57 -6.60
C8 NAG C . 31.81 -2.02 -7.72
N2 NAG C . 30.67 -3.90 -6.78
O3 NAG C . 31.85 -6.01 -5.19
O4 NAG C . 30.07 -8.28 -5.23
O5 NAG C . 27.67 -5.54 -5.25
O6 NAG C . 26.05 -7.70 -4.70
O7 NAG C . 30.64 -1.85 -5.63
C1 BMA C . 30.79 -8.87 -4.13
C2 BMA C . 30.54 -10.37 -4.18
C3 BMA C . 31.45 -11.07 -3.18
C4 BMA C . 32.90 -10.67 -3.43
C5 BMA C . 33.02 -9.16 -3.32
C6 BMA C . 34.42 -8.71 -3.64
O2 BMA C . 30.82 -10.82 -5.52
O3 BMA C . 31.39 -12.49 -3.31
O4 BMA C . 33.80 -11.30 -2.50
O5 BMA C . 32.18 -8.56 -4.27
O6 BMA C . 34.44 -7.29 -3.60
C1 MAN C . 35.74 -6.76 -3.94
C2 MAN C . 35.75 -5.31 -3.46
C3 MAN C . 34.75 -4.49 -4.28
C4 MAN C . 35.05 -4.68 -5.78
C5 MAN C . 35.12 -6.16 -6.14
C6 MAN C . 35.51 -6.37 -7.62
O2 MAN C . 37.06 -4.75 -3.62
O3 MAN C . 34.78 -3.09 -3.91
O4 MAN C . 34.01 -4.06 -6.52
O5 MAN C . 36.06 -6.84 -5.32
O6 MAN C . 36.71 -5.63 -7.88
C1 MAN C . 33.62 -2.66 -3.11
C2 MAN C . 33.39 -1.15 -3.27
C3 MAN C . 34.58 -0.45 -2.55
C4 MAN C . 34.82 -1.01 -1.12
C5 MAN C . 34.95 -2.54 -1.15
C6 MAN C . 35.20 -3.16 0.24
O2 MAN C . 32.03 -0.66 -2.88
O3 MAN C . 34.39 0.98 -2.57
O4 MAN C . 36.06 -0.54 -0.53
O5 MAN C . 33.75 -3.05 -1.72
O6 MAN C . 34.30 -2.64 1.23
C1 MAN C . 37.04 -5.59 -9.27
C2 MAN C . 38.27 -4.72 -9.46
C3 MAN C . 37.95 -3.27 -9.14
C4 MAN C . 36.79 -2.81 -10.00
C5 MAN C . 35.60 -3.75 -9.81
C6 MAN C . 34.44 -3.49 -10.75
O2 MAN C . 38.76 -4.79 -10.80
O3 MAN C . 39.11 -2.45 -9.34
O4 MAN C . 36.43 -1.47 -9.60
O5 MAN C . 35.97 -5.12 -10.07
O6 MAN C . 34.89 -3.53 -12.12
C1 MAN C . 30.55 -13.04 -2.30
C2 MAN C . 30.80 -14.53 -2.27
C3 MAN C . 30.23 -15.17 -3.52
C4 MAN C . 28.80 -14.70 -3.80
C5 MAN C . 28.69 -13.18 -3.75
C6 MAN C . 27.28 -12.63 -4.00
O2 MAN C . 30.19 -15.05 -1.08
O3 MAN C . 30.26 -16.60 -3.42
O4 MAN C . 28.45 -15.15 -5.10
O5 MAN C . 29.15 -12.73 -2.48
O6 MAN C . 27.10 -11.44 -3.21
C1 NAG D . 26.14 14.07 -13.28
C2 NAG D . 25.06 14.64 -14.25
C3 NAG D . 24.90 16.14 -14.02
C4 NAG D . 24.69 16.42 -12.52
C5 NAG D . 25.65 15.68 -11.62
C6 NAG D . 25.29 15.76 -10.14
C7 NAG D . 24.83 13.38 -16.29
C8 NAG D . 25.22 13.18 -17.72
N2 NAG D . 25.36 14.40 -15.65
O3 NAG D . 23.81 16.65 -14.80
O4 NAG D . 24.92 17.81 -12.22
O5 NAG D . 25.77 14.28 -11.97
O6 NAG D . 24.20 14.86 -9.81
O7 NAG D . 24.08 12.55 -15.73
C1 NAG D . 23.80 18.66 -12.27
C2 NAG D . 24.10 19.86 -11.39
C3 NAG D . 22.99 20.90 -11.54
C4 NAG D . 22.76 21.22 -13.01
C5 NAG D . 22.49 19.95 -13.81
C6 NAG D . 22.40 20.23 -15.30
C7 NAG D . 25.33 19.35 -9.34
C8 NAG D . 25.21 18.88 -7.92
N2 NAG D . 24.19 19.45 -10.02
O3 NAG D . 23.36 22.10 -10.83
O4 NAG D . 21.60 22.03 -13.10
O5 NAG D . 23.60 19.06 -13.61
O6 NAG D . 22.23 18.97 -15.97
O7 NAG D . 26.44 19.58 -9.84
C1 BMA D . 21.79 23.31 -13.71
C2 BMA D . 20.50 23.83 -14.30
C3 BMA D . 20.73 25.25 -14.86
C4 BMA D . 21.30 26.15 -13.76
C5 BMA D . 22.49 25.54 -13.04
C6 BMA D . 22.79 26.28 -11.74
O2 BMA D . 19.54 23.83 -13.27
O3 BMA D . 19.50 25.84 -15.28
O4 BMA D . 21.72 27.36 -14.37
O5 BMA D . 22.24 24.16 -12.70
O6 BMA D . 23.95 25.66 -11.17
C1 MAN D . 19.45 26.09 -16.69
C2 MAN D . 18.25 27.02 -16.97
C3 MAN D . 16.95 26.26 -16.79
C4 MAN D . 16.97 24.89 -17.45
C5 MAN D . 18.24 24.10 -17.09
C6 MAN D . 18.34 22.70 -17.72
O2 MAN D . 18.25 27.52 -18.34
O3 MAN D . 15.87 27.00 -17.38
O4 MAN D . 15.80 24.21 -17.01
O5 MAN D . 19.41 24.86 -17.44
O6 MAN D . 19.02 21.80 -16.82
C1 MAN D . 24.55 26.31 -10.04
C2 MAN D . 25.90 25.61 -9.72
C3 MAN D . 25.65 24.18 -9.17
C4 MAN D . 24.64 24.15 -8.00
C5 MAN D . 23.41 25.01 -8.37
C6 MAN D . 22.35 25.14 -7.27
O2 MAN D . 26.67 26.42 -8.83
O3 MAN D . 26.91 23.51 -8.83
O4 MAN D . 24.29 22.73 -7.67
O5 MAN D . 23.74 26.32 -8.85
O6 MAN D . 22.70 26.06 -6.26
C1 NAG E . 28.82 12.10 16.62
C2 NAG E . 28.70 12.76 17.96
C3 NAG E . 28.92 14.28 17.84
C4 NAG E . 30.17 14.66 17.04
C5 NAG E . 30.11 13.94 15.69
C6 NAG E . 31.27 14.25 14.74
C7 NAG E . 26.20 12.88 17.84
C8 NAG E . 24.95 12.54 18.54
N2 NAG E . 27.36 12.48 18.46
O3 NAG E . 28.98 14.78 19.15
O4 NAG E . 30.04 16.04 16.70
O5 NAG E . 30.00 12.54 15.92
O6 NAG E . 32.51 13.90 15.39
O7 NAG E . 26.09 13.50 16.77
C1 NAG E . 31.13 16.83 17.07
C2 NAG E . 30.99 18.17 16.34
C3 NAG E . 32.09 19.10 16.78
C4 NAG E . 32.19 19.11 18.30
C5 NAG E . 32.30 17.70 18.89
C6 NAG E . 32.37 17.72 20.42
C7 NAG E . 29.90 17.97 14.15
C8 NAG E . 30.05 17.67 12.67
N2 NAG E . 31.02 18.01 14.89
O3 NAG E . 31.78 20.43 16.32
O4 NAG E . 33.33 19.88 18.62
O5 NAG E . 31.16 16.96 18.48
O6 NAG E . 31.11 18.09 20.96
O7 NAG E . 28.79 18.12 14.64
C1 NAG F . 4.55 3.36 34.31
C2 NAG F . 4.43 4.29 35.47
C3 NAG F . 5.24 5.56 35.24
C4 NAG F . 6.66 5.25 34.79
C5 NAG F . 6.61 4.37 33.54
C6 NAG F . 7.93 3.92 32.90
C7 NAG F . 2.26 3.87 36.54
C8 NAG F . 0.85 4.37 36.65
N2 NAG F . 3.02 4.57 35.68
O3 NAG F . 5.26 6.21 36.51
O4 NAG F . 7.36 6.48 34.59
O5 NAG F . 5.93 3.19 33.94
O6 NAG F . 8.70 3.12 33.80
O7 NAG F . 2.65 2.91 37.22
C1 NAG F . 8.69 6.41 35.07
C2 NAG F . 9.46 7.51 34.37
C3 NAG F . 10.93 7.37 34.76
C4 NAG F . 11.10 7.34 36.30
C5 NAG F . 10.16 6.33 36.93
C6 NAG F . 10.19 6.41 38.44
C7 NAG F . 8.31 8.29 32.33
C8 NAG F . 8.17 8.05 30.84
N2 NAG F . 9.18 7.45 32.94
O3 NAG F . 11.63 8.51 34.20
O4 NAG F . 12.41 6.89 36.71
O5 NAG F . 8.79 6.54 36.50
O6 NAG F . 9.67 7.66 38.85
O7 NAG F . 7.66 9.20 32.91
C1 BMA F . 13.32 7.95 37.01
C2 BMA F . 14.41 7.41 37.95
C3 BMA F . 15.47 8.48 38.28
C4 BMA F . 16.02 8.98 36.95
C5 BMA F . 14.94 9.35 35.92
C6 BMA F . 15.57 9.48 34.54
O2 BMA F . 15.04 6.31 37.27
O3 BMA F . 16.61 7.93 39.05
O4 BMA F . 16.95 10.06 37.09
O5 BMA F . 13.88 8.41 35.76
O6 BMA F . 14.54 9.96 33.70
C1 MAN F . 15.02 10.41 32.45
C2 MAN F . 13.92 11.25 31.79
C3 MAN F . 12.74 10.38 31.31
C4 MAN F . 13.24 9.18 30.50
C5 MAN F . 14.29 8.42 31.29
C6 MAN F . 14.86 7.34 30.40
O2 MAN F . 14.46 11.96 30.67
O3 MAN F . 11.93 11.15 30.43
O4 MAN F . 12.16 8.29 30.14
O5 MAN F . 15.37 9.31 31.60
O6 MAN F . 15.51 8.04 29.32
C1 MAN F . 10.61 11.39 31.00
C2 MAN F . 9.71 12.06 29.98
C3 MAN F . 10.25 13.45 29.64
C4 MAN F . 10.43 14.27 30.94
C5 MAN F . 11.27 13.49 31.95
C6 MAN F . 11.45 14.14 33.34
O2 MAN F . 8.35 12.17 30.44
O3 MAN F . 9.31 14.10 28.72
O4 MAN F . 11.07 15.55 30.67
O5 MAN F . 10.67 12.20 32.17
O6 MAN F . 12.29 13.33 34.21
C1 MAN F . 16.10 7.13 28.38
C2 MAN F . 16.68 8.01 27.26
C3 MAN F . 15.51 8.67 26.50
C4 MAN F . 14.55 7.60 25.95
C5 MAN F . 14.12 6.68 27.10
C6 MAN F . 13.30 5.52 26.60
O2 MAN F . 17.48 7.19 26.41
O3 MAN F . 16.02 9.60 25.52
O4 MAN F . 13.32 8.19 25.37
O5 MAN F . 15.20 6.13 27.88
O6 MAN F . 13.04 4.74 27.74
C1 NAG G . 41.63 4.75 16.35
C1 NAG G . 41.27 4.47 16.25
C2 NAG G . 41.11 6.22 16.10
C2 NAG G . 40.71 3.32 17.13
C3 NAG G . 40.29 6.74 17.33
C3 NAG G . 39.80 3.93 18.21
C4 NAG G . 39.39 5.69 17.96
C4 NAG G . 40.35 5.24 18.81
C5 NAG G . 40.18 4.40 18.20
C5 NAG G . 40.71 6.11 17.59
C6 NAG G . 39.30 3.25 18.69
C6 NAG G . 40.99 7.60 17.77
C7 NAG G . 42.53 7.42 14.41
C7 NAG G . 40.39 1.20 15.88
C8 NAG G . 43.54 8.50 14.10
C8 NAG G . 39.58 0.61 14.77
N2 NAG G . 42.20 7.17 15.71
N2 NAG G . 39.92 2.36 16.35
O3 NAG G . 39.34 7.76 17.04
O3 NAG G . 39.55 2.97 19.24
O4 NAG G . 38.75 6.20 19.16
O4 NAG G . 39.38 5.88 19.66
O5 NAG G . 40.67 3.94 16.96
O5 NAG G . 41.87 5.45 17.05
O6 NAG G . 40.15 2.14 18.99
O6 NAG G . 40.40 8.33 16.65
O7 NAG G . 42.05 6.82 13.48
O7 NAG G . 41.44 0.71 16.22
C1 NAG H . -2.06 -8.95 27.76
C2 NAG H . -2.11 -7.88 28.88
C3 NAG H . -2.13 -8.58 30.23
C4 NAG H . -3.25 -9.61 30.25
C5 NAG H . -3.19 -10.54 29.04
C6 NAG H . -4.38 -11.47 29.00
C7 NAG H . -1.15 -5.63 28.44
C8 NAG H . 0.13 -4.83 28.36
N2 NAG H . -1.00 -6.93 28.80
O3 NAG H . -2.33 -7.60 31.25
O4 NAG H . -3.12 -10.35 31.45
O5 NAG H . -3.18 -9.80 27.81
O6 NAG H . -4.29 -12.27 27.82
O7 NAG H . -2.21 -5.07 28.18
CA CA I . 9.07 -9.07 -19.60
CA CA J . -38.23 6.84 8.47
CA CA K . 1.48 -8.76 -10.68
CA CA L . -19.55 -7.65 -16.41
CA CA M . 24.45 -14.62 0.08
CA CA N . 29.91 -0.35 -3.97
CA CA O . -25.12 16.54 16.28
CA CA P . 20.78 -6.69 -9.21
CA CA Q . 32.20 1.56 -2.04
CA CA R . -20.79 -14.15 22.07
CA CA S . 16.42 22.75 -6.44
CA CA T . 0.49 -24.84 -7.37
CA CA U . -7.28 -22.74 -13.56
CA CA V . 13.81 -27.57 -19.83
CA CA W . 20.49 15.04 22.59
CA CA X . -8.85 -11.61 -38.48
CA CA Y . -39.49 1.64 -27.00
CA CA Z . 15.54 28.36 -19.24
CA CA AA . 6.43 10.97 33.86
CA CA BA . -22.21 4.11 2.80
CA CA CA . -4.90 -15.08 16.57
OH2 1PE DA . -31.72 25.88 -16.95
C12 1PE DA . -31.04 26.33 -18.13
C22 1PE DA . -31.06 25.11 -19.02
OH3 1PE DA . -30.52 24.01 -18.26
C13 1PE DA . -29.92 21.66 -18.23
C23 1PE DA . -30.71 22.77 -18.91
OH4 1PE DA . -28.58 22.21 -18.36
C14 1PE DA . -26.30 22.10 -18.51
C24 1PE DA . -27.57 21.32 -18.69
OH5 1PE DA . -25.78 21.96 -17.18
C15 1PE DA . -24.06 23.68 -17.14
C25 1PE DA . -24.37 22.21 -17.12
OH6 1PE DA . -24.61 24.38 -16.01
C16 1PE DA . -24.95 26.46 -14.79
C26 1PE DA . -24.52 25.85 -16.15
OH7 1PE DA . -23.93 26.29 -13.79
O1 PG4 EA . -15.16 -3.73 -8.24
C1 PG4 EA . -16.40 -3.32 -8.87
C2 PG4 EA . -17.09 -4.64 -9.04
O2 PG4 EA . -18.16 -4.49 -8.12
C3 PG4 EA . -18.69 -5.71 -7.58
C4 PG4 EA . -20.03 -5.37 -6.94
O3 PG4 EA . -20.84 -4.87 -7.99
C5 PG4 EA . -22.18 -4.54 -7.49
C6 PG4 EA . -23.03 -4.08 -8.67
O4 PG4 EA . -22.48 -2.89 -9.28
C7 PG4 EA . -22.15 -2.91 -10.69
C8 PG4 EA . -21.01 -3.91 -10.98
O5 PG4 EA . -19.76 -3.44 -10.45
C1 PGE FA . -1.20 23.96 0.29
C2 PGE FA . -1.03 22.76 -0.64
O2 PGE FA . -2.32 22.58 -1.22
C3 PGE FA . -2.37 21.70 -2.29
C4 PGE FA . -3.66 21.90 -3.04
O4 PGE FA . -4.14 25.26 -5.59
C6 PGE FA . -3.96 23.90 -5.97
C5 PGE FA . -4.51 23.02 -4.85
O3 PGE FA . -3.41 22.83 -4.02
O2 PG0 GA . 0.59 -16.75 20.75
C4 PG0 GA . 1.77 -15.98 20.95
C3 PG0 GA . 1.48 -14.48 20.92
O1 PG0 GA . 1.70 -14.05 22.26
C2 PG0 GA . 1.10 -12.84 22.64
C1 PG0 GA . 1.32 -12.63 24.13
OTT PG0 GA . 2.63 -13.13 24.50
C5 PG0 HA . -0.30 -21.80 -1.22
O2 PG0 HA . -1.40 -21.03 -1.68
C4 PG0 HA . -1.48 -19.69 -1.16
C3 PG0 HA . -2.21 -19.68 0.16
O1 PG0 HA . -1.31 -20.20 1.14
C2 PG0 HA . -1.12 -19.38 2.27
C1 PG0 HA . -1.23 -20.14 3.56
OTT PG0 HA . -0.12 -21.04 3.64
C1 PGE IA . -15.44 12.29 25.79
O1 PGE IA . -15.04 13.24 24.80
C2 PGE IA . -15.81 10.97 25.15
O2 PGE IA . -14.69 10.09 25.31
C3 PGE IA . -15.04 8.95 26.09
C4 PGE IA . -13.83 8.09 26.39
C6 PGE IA . -11.05 9.24 28.45
C5 PGE IA . -11.69 8.23 27.53
O3 PGE IA . -12.86 8.90 27.05
C12 1PE JA . -2.98 10.51 -18.73
C22 1PE JA . -3.94 10.93 -17.60
OH3 1PE JA . -3.26 11.86 -16.78
C13 1PE JA . -3.15 13.55 -15.18
C23 1PE JA . -4.04 12.83 -16.20
OH4 1PE JA . -1.84 13.64 -15.70
C14 1PE JA . 0.46 14.48 -15.57
C24 1PE JA . -0.92 14.42 -14.93
OH5 1PE JA . 0.78 13.18 -16.05
C15 1PE JA . 2.21 11.82 -17.53
C25 1PE JA . 2.14 12.95 -16.48
OH6 1PE JA . 2.06 10.49 -16.98
C16 1PE JA . 0.44 8.75 -17.77
C26 1PE JA . 0.79 9.90 -16.83
OH7 1PE JA . 1.08 7.56 -17.31
OH2 1PE KA . -24.20 -2.05 4.29
C12 1PE KA . -23.01 -1.82 3.53
C22 1PE KA . -22.79 -2.85 2.41
OH3 1PE KA . -22.98 -4.13 2.97
C13 1PE KA . -22.89 -6.53 2.77
C23 1PE KA . -22.66 -5.19 2.09
OH4 1PE KA . -22.46 -6.65 4.14
C14 1PE KA . -20.48 -8.08 4.27
C24 1PE KA . -22.01 -7.99 4.41
OH5 1PE KA . -19.95 -7.86 5.57
C15 1PE KA . -17.62 -7.84 5.21
C25 1PE KA . -18.77 -8.53 5.92
OH6 1PE KA . -17.42 -8.55 4.02
C16 1PE KA . -15.93 -9.13 2.39
C26 1PE KA . -16.34 -8.03 3.31
OH7 1PE KA . -16.85 -9.26 1.33
C1 PGE LA . -12.90 26.74 -4.47
O1 PGE LA . -13.81 25.61 -4.63
C2 PGE LA . -11.81 26.74 -5.54
O2 PGE LA . -10.48 26.67 -5.03
C3 PGE LA . -9.48 25.94 -5.81
C4 PGE LA . -8.05 26.20 -5.32
O4 PGE LA . -10.58 25.96 -1.39
C6 PGE LA . -9.69 26.52 -2.38
C5 PGE LA . -8.77 25.49 -3.03
O3 PGE LA . -7.74 26.00 -3.90
O2 PG0 MA . -0.81 -8.74 -10.80
C4 PG0 MA . -1.41 -8.06 -11.93
C3 PG0 MA . -0.51 -8.43 -13.14
O1 PG0 MA . 0.82 -8.03 -12.84
C2 PG0 MA . 1.73 -8.23 -13.92
C1 PG0 MA . 3.19 -8.41 -13.45
OTT PG0 MA . 3.36 -8.84 -12.04
C1 EDO NA . -3.87 3.24 -5.92
O1 EDO NA . -4.58 3.87 -4.80
C2 EDO NA . -4.54 1.98 -6.45
O2 EDO NA . -4.05 0.72 -5.82
C1 PGE OA . 35.64 17.34 -4.76
O1 PGE OA . 35.62 18.79 -4.71
C2 PGE OA . 34.27 16.87 -4.34
O2 PGE OA . 33.70 15.93 -5.24
C3 PGE OA . 32.81 16.49 -6.21
C4 PGE OA . 32.47 15.34 -7.11
O4 PGE OA . 32.87 13.57 -11.36
C6 PGE OA . 33.01 14.86 -10.69
C5 PGE OA . 32.84 14.59 -9.23
O3 PGE OA . 32.49 15.76 -8.49
S1 DTU PA . 26.13 -35.66 16.98
S1 DTU PA . 29.70 -33.91 13.78
C1 DTU PA . 26.40 -34.92 15.34
C1 DTU PA . 28.69 -33.97 15.26
C2 DTU PA . 27.84 -34.45 15.00
C2 DTU PA . 28.06 -35.34 15.58
O2 DTU PA . 28.41 -33.77 16.14
O2 DTU PA . 26.63 -35.24 15.55
C3 DTU PA . 28.78 -35.54 14.48
C3 DTU PA . 28.60 -36.50 14.70
O3 DTU PA . 28.76 -36.75 15.26
O3 DTU PA . 28.08 -37.73 15.25
C4 DTU PA . 28.50 -35.89 12.99
C4 DTU PA . 28.46 -36.52 13.15
S4 DTU PA . 26.89 -35.38 12.30
S4 DTU PA . 27.16 -35.63 12.22
C ACT QA . -36.29 17.29 1.80
O ACT QA . -37.23 17.09 1.01
OXT ACT QA . -36.19 16.65 2.84
CH3 ACT QA . -35.24 18.34 1.53
C ACT RA . -9.52 -4.13 -9.26
C ACT RA . -9.16 -4.29 -9.17
O ACT RA . -9.31 -3.55 -10.33
O ACT RA . -8.04 -4.06 -8.73
OXT ACT RA . -10.61 -4.55 -8.87
OXT ACT RA . -9.57 -3.81 -10.24
CH3 ACT RA . -8.42 -4.43 -8.32
CH3 ACT RA . -9.96 -5.24 -8.35
C ACT SA . 35.90 11.47 12.44
O ACT SA . 36.42 12.31 11.66
OXT ACT SA . 35.43 10.39 12.02
CH3 ACT SA . 35.82 11.68 13.93
C ACT TA . -7.74 -8.98 5.18
O ACT TA . -7.13 -7.97 4.70
OXT ACT TA . -8.15 -9.11 6.39
CH3 ACT TA . -7.98 -10.15 4.25
C ACT UA . -31.14 20.90 2.24
O ACT UA . -31.05 20.15 1.17
OXT ACT UA . -31.41 20.47 3.42
CH3 ACT UA . -30.76 22.29 2.28
C ACT VA . 19.98 23.54 -9.91
O ACT VA . 19.25 23.88 -10.90
OXT ACT VA . 21.22 23.42 -10.05
CH3 ACT VA . 19.36 23.27 -8.56
S1 MPO WA . -31.49 5.72 2.39
O1 MPO WA . -30.89 5.34 1.12
O2 MPO WA . -33.09 5.70 2.11
O4 MPO WA . -25.40 2.06 6.13
N1 MPO WA . -27.86 2.74 4.72
C1 MPO WA . -31.19 4.48 3.52
O3 MPO WA . -31.04 7.03 2.76
C2 MPO WA . -29.67 4.19 3.71
C3 MPO WA . -29.32 3.02 4.65
C4 MPO WA . -27.58 1.35 5.18
C5 MPO WA . -26.07 1.07 5.35
C6 MPO WA . -25.67 3.36 5.67
C7 MPO WA . -27.17 3.68 5.63
C2 BGC XA . 6.06 9.68 10.18
C3 BGC XA . 7.48 10.17 10.08
C4 BGC XA . 7.71 11.66 10.24
C5 BGC XA . 6.99 12.02 11.44
C6 BGC XA . 7.26 13.50 11.64
C1 BGC XA . 5.39 10.29 11.40
O1 BGC XA . 4.11 9.70 11.53
O2 BGC XA . 6.04 8.34 10.58
O3 BGC XA . 7.88 9.96 8.83
O4 BGC XA . 9.08 12.11 10.30
O5 BGC XA . 5.56 11.71 11.44
O6 BGC XA . 6.45 13.96 12.73
#